data_3A4X
#
_entry.id   3A4X
#
_cell.length_a   89.816
_cell.length_b   91.943
_cell.length_c   107.100
_cell.angle_alpha   90.00
_cell.angle_beta   90.00
_cell.angle_gamma   90.00
#
_symmetry.space_group_name_H-M   'P 21 21 21'
#
loop_
_entity.id
_entity.type
_entity.pdbx_description
1 polymer Chitinase
2 branched 2-acetamido-2-deoxy-beta-D-glucopyranose-(1-4)-2-acetamido-2-deoxy-beta-D-glucopyranose-(1-4)-2-acetamido-2-deoxy-beta-D-glucopyranose-(1-4)-2-acetamido-2-deoxy-alpha-D-glucopyranose
3 non-polymer 'MAGNESIUM ION'
4 non-polymer 'SULFATE ION'
5 non-polymer GLYCEROL
6 water water
#
_entity_poly.entity_id   1
_entity_poly.type   'polypeptide(L)'
_entity_poly.pdbx_seq_one_letter_code
;GPNANPIPEHFFAPYIDMSLSVHKPLVEYAKLTGTKYFTLAFILYSSVYNGPAWAGSIPLEKFVDEVRELREIGGEVIIA
FGGAVGPYLCQQASTPEQLAEWYIKVIDTYNATYLDFAIEAGIDADKLADALLIVQRERPWVKFSFTLPSDPGIGLAGGY
GIIETMAKKGVRVDRVNPMTMDYYWTPSNAENAIKVAENVFRQLKQIYPEKSDEEIWKMIGLTPMIGVNDDKSVFTLEDA
QQLVDWAIQHKIGSLAFWSVDRDHPGPTGEVSPLHRGTNDPDWAFSHVFVKFMEAFGYTFSAQTSEASVPT
;
_entity_poly.pdbx_strand_id   A,B
#
loop_
_chem_comp.id
_chem_comp.type
_chem_comp.name
_chem_comp.formula
GOL non-polymer GLYCEROL 'C3 H8 O3'
MG non-polymer 'MAGNESIUM ION' 'Mg 2'
NAG D-saccharide, beta linking 2-acetamido-2-deoxy-beta-D-glucopyranose 'C8 H15 N O6'
NDG D-saccharide, alpha linking 2-acetamido-2-deoxy-alpha-D-glucopyranose 'C8 H15 N O6'
SO4 non-polymer 'SULFATE ION' 'O4 S -2'
#
# COMPACT_ATOMS: atom_id res chain seq x y z
N GLY A 1 2.01 -10.23 34.07
CA GLY A 1 0.90 -11.21 34.08
C GLY A 1 1.14 -12.36 33.10
N PRO A 2 0.25 -13.36 33.11
CA PRO A 2 0.33 -14.55 32.26
C PRO A 2 0.53 -14.25 30.78
N ASN A 3 -0.35 -13.43 30.23
CA ASN A 3 -0.39 -13.27 28.79
C ASN A 3 -0.36 -11.78 28.46
N ALA A 4 0.20 -11.00 29.38
CA ALA A 4 0.49 -9.59 29.09
C ALA A 4 1.60 -9.13 30.02
N ASN A 5 2.50 -8.31 29.48
CA ASN A 5 3.66 -7.84 30.22
C ASN A 5 3.60 -6.34 30.47
N PRO A 6 4.32 -5.85 31.50
CA PRO A 6 4.36 -4.40 31.73
C PRO A 6 5.15 -3.66 30.65
N ILE A 7 4.67 -2.48 30.29
CA ILE A 7 5.38 -1.60 29.37
C ILE A 7 6.03 -0.55 30.26
N PRO A 8 7.31 -0.21 30.02
CA PRO A 8 7.97 0.72 30.94
C PRO A 8 7.33 2.10 30.98
N GLU A 9 7.59 2.81 32.07
CA GLU A 9 7.07 4.15 32.29
C GLU A 9 7.46 5.09 31.14
N HIS A 10 8.69 4.93 30.64
CA HIS A 10 9.19 5.66 29.49
C HIS A 10 9.53 4.63 28.43
N PHE A 11 8.74 4.57 27.36
CA PHE A 11 8.86 3.45 26.43
C PHE A 11 9.12 3.88 25.01
N PHE A 12 9.69 2.97 24.24
CA PHE A 12 9.92 3.13 22.81
C PHE A 12 9.27 1.95 22.09
N ALA A 13 8.23 2.25 21.31
CA ALA A 13 7.44 1.19 20.66
C ALA A 13 7.22 1.59 19.19
N PRO A 14 8.26 1.40 18.36
CA PRO A 14 8.18 1.83 16.96
C PRO A 14 7.13 1.05 16.17
N TYR A 15 6.64 1.66 15.09
CA TYR A 15 5.59 1.05 14.27
C TYR A 15 6.15 -0.04 13.38
N ILE A 16 5.42 -1.14 13.28
CA ILE A 16 5.67 -2.18 12.29
C ILE A 16 4.45 -2.25 11.38
N ASP A 17 4.66 -2.07 10.08
CA ASP A 17 3.62 -2.29 9.08
C ASP A 17 3.47 -3.79 8.91
N MET A 18 2.43 -4.34 9.53
CA MET A 18 2.25 -5.79 9.63
C MET A 18 1.92 -6.43 8.28
N SER A 19 1.57 -5.61 7.30
CA SER A 19 1.13 -6.15 6.01
C SER A 19 2.28 -6.50 5.06
N LEU A 20 3.50 -6.08 5.37
CA LEU A 20 4.63 -6.27 4.46
C LEU A 20 5.04 -7.72 4.31
N SER A 21 5.37 -8.13 3.09
CA SER A 21 5.81 -9.51 2.87
C SER A 21 7.16 -9.80 3.55
N VAL A 22 7.94 -8.75 3.83
CA VAL A 22 9.24 -8.91 4.52
C VAL A 22 9.08 -9.18 6.03
N HIS A 23 7.84 -9.09 6.52
CA HIS A 23 7.58 -9.19 7.96
C HIS A 23 8.31 -10.33 8.64
N LYS A 24 9.13 -9.99 9.62
CA LYS A 24 9.79 -10.96 10.49
C LYS A 24 8.95 -11.25 11.74
N PRO A 25 9.24 -12.37 12.42
CA PRO A 25 8.64 -12.54 13.74
C PRO A 25 8.99 -11.38 14.67
N LEU A 26 8.03 -10.99 15.51
CA LEU A 26 8.26 -9.90 16.46
C LEU A 26 9.47 -10.16 17.35
N VAL A 27 9.68 -11.42 17.77
CA VAL A 27 10.85 -11.75 18.58
C VAL A 27 12.15 -11.48 17.85
N GLU A 28 12.14 -11.66 16.52
CA GLU A 28 13.32 -11.37 15.73
C GLU A 28 13.54 -9.87 15.66
N TYR A 29 12.47 -9.09 15.45
CA TYR A 29 12.62 -7.63 15.47
C TYR A 29 13.15 -7.17 16.82
N ALA A 30 12.69 -7.79 17.90
CA ALA A 30 13.19 -7.43 19.24
C ALA A 30 14.71 -7.59 19.29
N LYS A 31 15.21 -8.73 18.82
CA LYS A 31 16.65 -8.98 18.80
C LYS A 31 17.41 -7.96 17.96
N LEU A 32 16.86 -7.63 16.78
CA LEU A 32 17.55 -6.75 15.85
C LEU A 32 17.49 -5.28 16.24
N THR A 33 16.31 -4.84 16.68
CA THR A 33 16.11 -3.42 17.01
C THR A 33 16.58 -3.08 18.41
N GLY A 34 16.57 -4.07 19.30
CA GLY A 34 16.88 -3.82 20.70
C GLY A 34 15.69 -3.42 21.57
N THR A 35 14.53 -3.19 20.97
CA THR A 35 13.31 -2.98 21.75
C THR A 35 12.36 -4.18 21.67
N LYS A 36 11.76 -4.55 22.80
CA LYS A 36 10.77 -5.62 22.77
C LYS A 36 9.33 -5.10 22.87
N TYR A 37 9.16 -3.81 22.56
CA TYR A 37 7.83 -3.18 22.47
C TYR A 37 7.61 -2.63 21.08
N PHE A 38 6.46 -2.93 20.49
CA PHE A 38 6.16 -2.46 19.14
C PHE A 38 4.72 -1.99 19.05
N THR A 39 4.48 -1.08 18.12
CA THR A 39 3.12 -0.67 17.78
C THR A 39 2.80 -1.36 16.47
N LEU A 40 1.78 -2.22 16.48
CA LEU A 40 1.44 -3.05 15.30
C LEU A 40 0.43 -2.29 14.44
N ALA A 41 0.78 -2.03 13.18
CA ALA A 41 -0.04 -1.17 12.32
C ALA A 41 -0.49 -1.90 11.03
N PHE A 42 -1.68 -1.66 10.48
CA PHE A 42 -2.80 -0.95 11.11
C PHE A 42 -4.02 -1.85 10.99
N ILE A 43 -4.92 -1.74 11.95
CA ILE A 43 -6.25 -2.34 11.81
C ILE A 43 -7.13 -1.34 11.07
N LEU A 44 -7.80 -1.81 10.02
CA LEU A 44 -8.78 -1.05 9.25
C LEU A 44 -10.04 -1.89 9.09
N TYR A 45 -11.09 -1.26 8.58
CA TYR A 45 -12.30 -1.99 8.18
C TYR A 45 -12.08 -2.78 6.90
N SER A 46 -12.36 -4.09 6.98
CA SER A 46 -12.36 -4.98 5.83
C SER A 46 -13.79 -5.27 5.40
N SER A 47 -14.13 -4.96 4.16
CA SER A 47 -15.48 -5.31 3.65
C SER A 47 -15.64 -6.83 3.56
N VAL A 48 -14.55 -7.51 3.19
CA VAL A 48 -14.53 -8.99 3.09
C VAL A 48 -14.87 -9.67 4.41
N TYR A 49 -14.29 -9.18 5.49
CA TYR A 49 -14.54 -9.74 6.82
C TYR A 49 -15.62 -9.00 7.60
N ASN A 50 -16.16 -7.93 7.01
CA ASN A 50 -17.10 -7.02 7.66
C ASN A 50 -16.67 -6.68 9.09
N GLY A 51 -15.40 -6.31 9.22
CA GLY A 51 -14.87 -5.96 10.51
C GLY A 51 -13.37 -5.79 10.43
N PRO A 52 -12.71 -5.79 11.60
CA PRO A 52 -11.30 -5.41 11.67
C PRO A 52 -10.38 -6.41 10.98
N ALA A 53 -9.37 -5.89 10.28
CA ALA A 53 -8.37 -6.71 9.60
C ALA A 53 -7.14 -5.86 9.38
N TRP A 54 -5.97 -6.50 9.28
CA TRP A 54 -4.74 -5.73 9.00
C TRP A 54 -4.79 -5.17 7.59
N ALA A 55 -4.45 -3.89 7.46
CA ALA A 55 -4.46 -3.17 6.19
C ALA A 55 -5.82 -3.23 5.51
N GLY A 56 -6.85 -3.58 6.30
CA GLY A 56 -8.23 -3.70 5.81
C GLY A 56 -8.49 -4.95 4.97
N SER A 57 -7.61 -5.94 5.06
CA SER A 57 -7.71 -7.15 4.21
C SER A 57 -7.10 -8.46 4.74
N ILE A 58 -6.21 -8.37 5.72
CA ILE A 58 -5.45 -9.54 6.21
C ILE A 58 -6.07 -10.02 7.54
N PRO A 59 -6.30 -11.36 7.70
CA PRO A 59 -7.04 -11.86 8.88
C PRO A 59 -6.52 -11.31 10.21
N LEU A 60 -7.45 -10.87 11.05
CA LEU A 60 -7.12 -10.21 12.31
C LEU A 60 -6.19 -11.06 13.17
N GLU A 61 -6.48 -12.36 13.23
CA GLU A 61 -5.77 -13.26 14.16
C GLU A 61 -4.40 -13.72 13.65
N LYS A 62 -3.98 -13.24 12.49
CA LYS A 62 -2.75 -13.74 11.88
C LYS A 62 -1.52 -13.70 12.80
N PHE A 63 -1.41 -12.65 13.60
CA PHE A 63 -0.19 -12.42 14.37
C PHE A 63 -0.28 -12.77 15.84
N VAL A 64 -1.32 -13.52 16.21
CA VAL A 64 -1.53 -13.89 17.62
C VAL A 64 -0.33 -14.68 18.16
N ASP A 65 0.14 -15.69 17.42
CA ASP A 65 1.27 -16.48 17.89
CA ASP A 65 1.28 -16.49 17.86
C ASP A 65 2.55 -15.65 17.98
N GLU A 66 2.76 -14.73 17.04
CA GLU A 66 3.96 -13.86 17.15
C GLU A 66 3.93 -13.03 18.43
N VAL A 67 2.75 -12.53 18.78
CA VAL A 67 2.59 -11.77 20.02
C VAL A 67 2.83 -12.66 21.25
N ARG A 68 2.25 -13.87 21.25
CA ARG A 68 2.59 -15.00 22.08
CA ARG A 68 2.60 -14.74 22.40
C ARG A 68 4.09 -15.04 22.44
N GLU A 69 4.81 -15.22 21.34
CA GLU A 69 6.26 -15.47 21.43
C GLU A 69 7.02 -14.26 21.93
N LEU A 70 6.57 -13.07 21.54
CA LEU A 70 7.17 -11.83 22.07
C LEU A 70 6.95 -11.71 23.56
N ARG A 71 5.76 -12.09 24.04
CA ARG A 71 5.47 -12.02 25.48
C ARG A 71 6.36 -12.98 26.29
N GLU A 72 6.82 -14.06 25.65
CA GLU A 72 7.71 -15.02 26.32
C GLU A 72 9.08 -14.43 26.68
N ILE A 73 9.49 -13.35 25.99
CA ILE A 73 10.72 -12.67 26.36
C ILE A 73 10.46 -11.35 27.10
N GLY A 74 9.22 -11.18 27.56
CA GLY A 74 8.84 -10.01 28.38
C GLY A 74 8.38 -8.83 27.54
N GLY A 75 8.27 -9.03 26.23
CA GLY A 75 7.82 -7.95 25.36
C GLY A 75 6.32 -7.72 25.38
N GLU A 76 5.87 -6.67 24.71
CA GLU A 76 4.45 -6.32 24.72
C GLU A 76 4.17 -5.40 23.54
N VAL A 77 2.89 -5.28 23.19
CA VAL A 77 2.52 -4.52 22.00
C VAL A 77 1.46 -3.47 22.26
N ILE A 78 1.37 -2.52 21.34
CA ILE A 78 0.28 -1.58 21.25
C ILE A 78 -0.35 -1.86 19.89
N ILE A 79 -1.67 -2.00 19.83
CA ILE A 79 -2.33 -2.25 18.53
C ILE A 79 -2.85 -0.95 17.96
N ALA A 80 -2.44 -0.63 16.72
CA ALA A 80 -2.79 0.64 16.09
C ALA A 80 -3.91 0.48 15.06
N PHE A 81 -4.82 1.45 15.06
CA PHE A 81 -5.91 1.57 14.10
C PHE A 81 -5.67 2.79 13.24
N GLY A 82 -6.03 2.71 11.96
CA GLY A 82 -6.09 3.92 11.15
C GLY A 82 -4.91 4.02 10.21
N GLY A 83 -4.25 5.18 10.23
CA GLY A 83 -3.09 5.39 9.37
C GLY A 83 -3.42 6.25 8.17
N ALA A 84 -2.48 6.33 7.23
CA ALA A 84 -2.59 7.24 6.10
C ALA A 84 -3.69 6.88 5.12
N VAL A 85 -4.05 5.61 5.05
CA VAL A 85 -5.09 5.16 4.12
C VAL A 85 -6.24 4.52 4.88
N GLY A 86 -7.47 4.93 4.58
CA GLY A 86 -8.66 4.27 5.14
C GLY A 86 -9.02 2.97 4.41
N PRO A 87 -10.23 2.43 4.67
CA PRO A 87 -11.27 3.00 5.52
C PRO A 87 -11.13 2.57 6.98
N TYR A 88 -11.25 3.54 7.89
CA TYR A 88 -11.12 3.25 9.32
C TYR A 88 -12.36 2.55 9.83
N LEU A 89 -12.20 1.71 10.86
CA LEU A 89 -13.37 1.19 11.57
C LEU A 89 -14.31 2.32 12.01
N CYS A 90 -13.75 3.42 12.53
CA CYS A 90 -14.57 4.51 13.07
C CYS A 90 -15.28 5.30 11.97
N GLN A 91 -14.84 5.11 10.72
CA GLN A 91 -15.54 5.68 9.57
C GLN A 91 -16.68 4.77 9.08
N GLN A 92 -16.41 3.47 9.03
CA GLN A 92 -17.37 2.50 8.51
C GLN A 92 -18.52 2.20 9.49
N ALA A 93 -18.23 2.19 10.80
CA ALA A 93 -19.26 1.82 11.78
C ALA A 93 -20.47 2.76 11.73
N SER A 94 -21.67 2.19 11.71
CA SER A 94 -22.90 2.99 11.71
C SER A 94 -23.23 3.58 13.08
N THR A 95 -22.84 2.87 14.14
CA THR A 95 -23.14 3.28 15.50
C THR A 95 -21.90 3.15 16.39
N PRO A 96 -21.87 3.88 17.53
CA PRO A 96 -20.76 3.69 18.49
C PRO A 96 -20.72 2.27 19.05
N GLU A 97 -21.87 1.62 19.15
CA GLU A 97 -21.94 0.25 19.65
C GLU A 97 -21.24 -0.73 18.73
N GLN A 98 -21.48 -0.59 17.43
CA GLN A 98 -20.81 -1.42 16.44
C GLN A 98 -19.30 -1.17 16.48
N LEU A 99 -18.93 0.09 16.58
CA LEU A 99 -17.50 0.47 16.61
C LEU A 99 -16.83 -0.16 17.84
N ALA A 100 -17.49 -0.02 18.99
CA ALA A 100 -16.94 -0.59 20.23
C ALA A 100 -16.81 -2.11 20.15
N GLU A 101 -17.79 -2.77 19.54
CA GLU A 101 -17.72 -4.21 19.33
C GLU A 101 -16.46 -4.59 18.55
N TRP A 102 -16.17 -3.83 17.49
CA TRP A 102 -14.99 -4.09 16.69
C TRP A 102 -13.68 -3.89 17.46
N TYR A 103 -13.59 -2.77 18.19
CA TYR A 103 -12.40 -2.51 19.01
C TYR A 103 -12.21 -3.62 20.05
N ILE A 104 -13.31 -4.03 20.66
CA ILE A 104 -13.26 -5.07 21.70
C ILE A 104 -12.85 -6.42 21.13
N LYS A 105 -13.29 -6.72 19.91
CA LYS A 105 -12.85 -7.93 19.22
C LYS A 105 -11.32 -7.93 19.06
N VAL A 106 -10.75 -6.78 18.69
CA VAL A 106 -9.30 -6.68 18.55
C VAL A 106 -8.61 -6.86 19.91
N ILE A 107 -9.11 -6.16 20.92
CA ILE A 107 -8.58 -6.30 22.29
C ILE A 107 -8.56 -7.78 22.71
N ASP A 108 -9.69 -8.46 22.53
CA ASP A 108 -9.85 -9.81 23.03
C ASP A 108 -8.99 -10.79 22.25
N THR A 109 -8.84 -10.55 20.93
CA THR A 109 -8.03 -11.46 20.10
C THR A 109 -6.57 -11.47 20.53
N TYR A 110 -6.07 -10.31 20.91
CA TYR A 110 -4.65 -10.12 21.25
C TYR A 110 -4.37 -10.01 22.74
N ASN A 111 -5.43 -10.13 23.56
CA ASN A 111 -5.32 -9.77 24.98
C ASN A 111 -4.58 -8.41 25.09
N ALA A 112 -5.00 -7.46 24.27
CA ALA A 112 -4.30 -6.15 24.22
C ALA A 112 -4.47 -5.37 25.51
N THR A 113 -3.44 -4.62 25.87
CA THR A 113 -3.50 -3.73 27.04
C THR A 113 -3.37 -2.27 26.63
N TYR A 114 -3.20 -2.01 25.33
CA TYR A 114 -2.96 -0.66 24.84
C TYR A 114 -3.38 -0.58 23.37
N LEU A 115 -4.23 0.38 23.05
CA LEU A 115 -4.66 0.62 21.67
C LEU A 115 -4.16 2.00 21.23
N ASP A 116 -3.86 2.14 19.95
CA ASP A 116 -3.37 3.41 19.39
C ASP A 116 -4.31 3.79 18.24
N PHE A 117 -4.87 4.99 18.31
CA PHE A 117 -5.76 5.47 17.24
C PHE A 117 -4.98 6.49 16.43
N ALA A 118 -4.49 6.05 15.28
CA ALA A 118 -3.66 6.87 14.39
C ALA A 118 -4.59 7.57 13.39
N ILE A 119 -5.12 8.70 13.82
CA ILE A 119 -6.22 9.33 13.09
C ILE A 119 -5.68 10.45 12.25
N GLU A 120 -5.59 10.16 10.96
CA GLU A 120 -5.04 11.12 10.01
CA GLU A 120 -5.02 11.09 9.98
C GLU A 120 -6.14 11.79 9.22
N ALA A 121 -7.20 11.06 8.92
CA ALA A 121 -8.34 11.56 8.16
C ALA A 121 -9.40 12.21 9.03
N GLY A 122 -10.31 12.96 8.40
CA GLY A 122 -11.47 13.52 9.10
C GLY A 122 -12.35 12.41 9.61
N ILE A 123 -12.77 12.53 10.87
CA ILE A 123 -13.64 11.53 11.49
C ILE A 123 -14.74 12.20 12.30
N ASP A 124 -15.69 11.40 12.75
CA ASP A 124 -16.72 11.87 13.67
C ASP A 124 -16.20 11.57 15.06
N ALA A 125 -15.65 12.60 15.72
CA ALA A 125 -14.98 12.44 17.03
C ALA A 125 -15.98 12.06 18.12
N ASP A 126 -17.19 12.58 18.00
CA ASP A 126 -18.27 12.26 18.94
C ASP A 126 -18.60 10.78 18.92
N LYS A 127 -18.68 10.20 17.72
CA LYS A 127 -18.94 8.77 17.56
C LYS A 127 -17.78 7.94 18.11
N LEU A 128 -16.56 8.36 17.79
CA LEU A 128 -15.38 7.71 18.35
C LEU A 128 -15.43 7.73 19.87
N ALA A 129 -15.68 8.92 20.44
CA ALA A 129 -15.72 9.07 21.89
C ALA A 129 -16.76 8.16 22.53
N ASP A 130 -17.96 8.11 21.94
CA ASP A 130 -19.02 7.25 22.47
C ASP A 130 -18.64 5.76 22.43
N ALA A 131 -17.96 5.34 21.36
CA ALA A 131 -17.47 3.96 21.30
C ALA A 131 -16.42 3.72 22.39
N LEU A 132 -15.49 4.67 22.55
CA LEU A 132 -14.43 4.48 23.54
C LEU A 132 -14.94 4.47 24.97
N LEU A 133 -16.03 5.20 25.23
CA LEU A 133 -16.72 5.10 26.54
C LEU A 133 -17.17 3.67 26.81
N ILE A 134 -17.71 2.99 25.81
CA ILE A 134 -18.12 1.59 25.93
C ILE A 134 -16.89 0.71 26.13
N VAL A 135 -15.87 0.91 25.30
CA VAL A 135 -14.64 0.11 25.42
C VAL A 135 -14.01 0.21 26.81
N GLN A 136 -13.84 1.43 27.32
CA GLN A 136 -13.20 1.59 28.61
C GLN A 136 -14.05 1.06 29.76
N ARG A 137 -15.37 1.06 29.58
CA ARG A 137 -16.26 0.47 30.58
C ARG A 137 -16.14 -1.06 30.59
N GLU A 138 -16.13 -1.67 29.40
CA GLU A 138 -16.09 -3.12 29.28
C GLU A 138 -14.70 -3.73 29.46
N ARG A 139 -13.67 -2.95 29.11
CA ARG A 139 -12.27 -3.40 29.19
C ARG A 139 -11.44 -2.34 29.93
N PRO A 140 -11.66 -2.21 31.26
CA PRO A 140 -11.08 -1.05 31.98
C PRO A 140 -9.57 -1.05 32.18
N TRP A 141 -8.90 -2.14 31.82
CA TRP A 141 -7.44 -2.24 31.91
C TRP A 141 -6.71 -1.80 30.63
N VAL A 142 -7.46 -1.40 29.61
CA VAL A 142 -6.86 -1.08 28.31
C VAL A 142 -6.60 0.42 28.19
N LYS A 143 -5.34 0.80 27.93
CA LYS A 143 -4.97 2.22 27.76
C LYS A 143 -5.24 2.69 26.32
N PHE A 144 -5.53 3.99 26.14
CA PHE A 144 -5.77 4.56 24.80
C PHE A 144 -4.71 5.60 24.45
N SER A 145 -4.11 5.41 23.28
CA SER A 145 -3.13 6.34 22.73
C SER A 145 -3.79 6.98 21.50
N PHE A 146 -3.49 8.26 21.26
CA PHE A 146 -3.98 8.97 20.08
C PHE A 146 -2.78 9.51 19.33
N THR A 147 -2.59 9.03 18.11
CA THR A 147 -1.45 9.39 17.28
C THR A 147 -1.96 10.23 16.14
N LEU A 148 -1.44 11.45 16.05
CA LEU A 148 -2.11 12.50 15.27
C LEU A 148 -1.14 13.36 14.47
N PRO A 149 -1.60 13.88 13.32
CA PRO A 149 -0.75 14.79 12.54
C PRO A 149 -0.34 16.00 13.37
N SER A 150 0.85 16.54 13.10
CA SER A 150 1.30 17.72 13.84
C SER A 150 2.15 18.62 12.95
N ASP A 151 2.40 19.84 13.42
CA ASP A 151 3.15 20.82 12.63
C ASP A 151 3.79 21.80 13.63
N PRO A 152 5.04 22.20 13.38
CA PRO A 152 5.78 23.01 14.37
C PRO A 152 5.25 24.42 14.56
N GLY A 153 4.31 24.85 13.70
CA GLY A 153 3.67 26.14 13.91
C GLY A 153 2.41 26.05 14.76
N ILE A 154 1.88 24.83 14.98
CA ILE A 154 0.56 24.73 15.63
C ILE A 154 0.43 23.64 16.69
N GLY A 155 1.32 22.64 16.65
CA GLY A 155 1.14 21.45 17.48
C GLY A 155 0.21 20.50 16.74
N LEU A 156 -0.80 19.99 17.44
CA LEU A 156 -1.86 19.22 16.78
C LEU A 156 -2.71 20.14 15.92
N ALA A 157 -3.23 19.59 14.82
CA ALA A 157 -4.18 20.29 13.95
C ALA A 157 -5.63 19.90 14.33
N GLY A 158 -6.39 19.34 13.40
CA GLY A 158 -7.76 18.90 13.72
C GLY A 158 -7.80 17.84 14.81
N GLY A 159 -6.69 17.10 14.94
CA GLY A 159 -6.50 16.15 16.04
C GLY A 159 -6.69 16.77 17.42
N TYR A 160 -6.43 18.07 17.56
CA TYR A 160 -6.65 18.73 18.85
C TYR A 160 -8.12 18.63 19.25
N GLY A 161 -9.01 18.82 18.27
CA GLY A 161 -10.45 18.66 18.51
C GLY A 161 -10.83 17.27 18.99
N ILE A 162 -10.10 16.24 18.52
CA ILE A 162 -10.37 14.88 18.95
C ILE A 162 -10.05 14.73 20.44
N ILE A 163 -8.91 15.25 20.87
CA ILE A 163 -8.54 15.16 22.29
C ILE A 163 -9.50 15.99 23.14
N GLU A 164 -9.84 17.19 22.66
CA GLU A 164 -10.79 18.03 23.39
C GLU A 164 -12.09 17.26 23.65
N THR A 165 -12.56 16.55 22.62
CA THR A 165 -13.79 15.76 22.69
C THR A 165 -13.64 14.61 23.67
N MET A 166 -12.52 13.89 23.59
CA MET A 166 -12.28 12.80 24.54
C MET A 166 -12.32 13.30 25.98
N ALA A 167 -11.64 14.41 26.24
CA ALA A 167 -11.53 14.93 27.60
C ALA A 167 -12.90 15.31 28.14
N LYS A 168 -13.67 16.01 27.31
CA LYS A 168 -14.99 16.46 27.76
C LYS A 168 -15.95 15.28 27.96
N LYS A 169 -15.84 14.24 27.14
CA LYS A 169 -16.70 13.07 27.21
C LYS A 169 -16.35 12.12 28.37
N GLY A 170 -15.14 12.27 28.91
CA GLY A 170 -14.65 11.40 29.98
C GLY A 170 -13.96 10.15 29.48
N VAL A 171 -13.42 10.20 28.25
CA VAL A 171 -12.66 9.08 27.68
C VAL A 171 -11.21 9.21 28.14
N ARG A 172 -10.62 8.13 28.68
CA ARG A 172 -9.23 8.19 29.13
C ARG A 172 -8.30 8.53 27.96
N VAL A 173 -7.34 9.40 28.23
CA VAL A 173 -6.31 9.75 27.24
C VAL A 173 -4.97 9.48 27.89
N ASP A 174 -4.43 8.29 27.62
CA ASP A 174 -3.18 7.88 28.25
C ASP A 174 -1.95 8.43 27.55
N ARG A 175 -2.08 8.69 26.25
CA ARG A 175 -0.95 9.10 25.41
C ARG A 175 -1.44 9.95 24.24
N VAL A 176 -0.76 11.06 24.01
CA VAL A 176 -0.98 11.90 22.84
C VAL A 176 0.36 11.94 22.13
N ASN A 177 0.35 11.43 20.90
CA ASN A 177 1.57 11.07 20.18
C ASN A 177 1.61 11.77 18.82
N PRO A 178 1.99 13.06 18.80
CA PRO A 178 2.06 13.76 17.50
C PRO A 178 3.08 13.12 16.55
N MET A 179 2.71 13.04 15.28
CA MET A 179 3.60 12.56 14.24
C MET A 179 4.41 13.72 13.72
N THR A 180 5.67 13.76 14.12
CA THR A 180 6.56 14.89 13.87
C THR A 180 7.27 14.67 12.54
N MET A 181 6.49 14.81 11.47
CA MET A 181 6.91 14.41 10.11
C MET A 181 6.06 15.14 9.09
N ASP A 182 6.59 15.23 7.86
CA ASP A 182 5.76 15.56 6.69
C ASP A 182 5.04 16.88 6.82
N TYR A 183 5.76 17.92 7.24
CA TYR A 183 5.19 19.27 7.31
C TYR A 183 5.10 19.95 5.94
N TYR A 184 5.93 19.51 5.01
CA TYR A 184 6.04 20.07 3.64
C TYR A 184 6.60 21.50 3.49
N TRP A 185 6.33 22.39 4.44
CA TRP A 185 6.83 23.77 4.32
C TRP A 185 8.12 24.00 5.11
N THR A 186 8.48 23.01 5.94
CA THR A 186 9.64 23.10 6.81
C THR A 186 10.12 21.66 7.09
N PRO A 187 11.43 21.46 7.28
CA PRO A 187 11.96 20.08 7.28
C PRO A 187 11.64 19.25 8.53
N SER A 188 11.55 17.93 8.35
CA SER A 188 11.35 17.03 9.50
C SER A 188 12.66 16.77 10.21
N ASN A 189 12.99 17.62 11.17
CA ASN A 189 14.23 17.47 11.93
C ASN A 189 13.95 17.49 13.43
N ALA A 190 15.01 17.43 14.24
CA ALA A 190 14.83 17.44 15.69
C ALA A 190 14.26 18.78 16.17
N GLU A 191 14.77 19.90 15.62
CA GLU A 191 14.31 21.22 16.06
C GLU A 191 12.79 21.35 15.91
N ASN A 192 12.27 20.95 14.75
CA ASN A 192 10.83 21.05 14.53
C ASN A 192 10.01 20.08 15.35
N ALA A 193 10.55 18.88 15.59
CA ALA A 193 9.86 17.91 16.48
C ALA A 193 9.75 18.48 17.90
N ILE A 194 10.79 19.17 18.35
CA ILE A 194 10.78 19.81 19.68
C ILE A 194 9.76 20.96 19.73
N LYS A 195 9.71 21.75 18.67
CA LYS A 195 8.68 22.79 18.57
C LYS A 195 7.27 22.19 18.64
N VAL A 196 7.05 21.10 17.92
CA VAL A 196 5.78 20.39 18.01
C VAL A 196 5.49 19.98 19.46
N ALA A 197 6.49 19.40 20.12
CA ALA A 197 6.31 18.91 21.48
C ALA A 197 5.88 20.04 22.42
N GLU A 198 6.52 21.21 22.26
CA GLU A 198 6.22 22.37 23.11
C GLU A 198 4.81 22.89 22.85
N ASN A 199 4.43 22.93 21.57
CA ASN A 199 3.07 23.34 21.20
C ASN A 199 1.99 22.39 21.74
N VAL A 200 2.26 21.09 21.63
CA VAL A 200 1.34 20.08 22.15
C VAL A 200 1.24 20.17 23.66
N PHE A 201 2.37 20.43 24.33
CA PHE A 201 2.39 20.67 25.77
C PHE A 201 1.37 21.77 26.14
N ARG A 202 1.46 22.92 25.46
CA ARG A 202 0.55 24.05 25.70
C ARG A 202 -0.90 23.67 25.41
N GLN A 203 -1.10 22.93 24.30
CA GLN A 203 -2.45 22.45 23.95
C GLN A 203 -3.06 21.57 25.04
N LEU A 204 -2.26 20.66 25.58
CA LEU A 204 -2.79 19.73 26.59
C LEU A 204 -3.03 20.43 27.93
N LYS A 205 -2.19 21.42 28.24
CA LYS A 205 -2.41 22.26 29.42
C LYS A 205 -3.74 23.02 29.33
N GLN A 206 -4.14 23.44 28.13
CA GLN A 206 -5.48 24.07 27.95
C GLN A 206 -6.61 23.10 28.22
N ILE A 207 -6.45 21.85 27.80
CA ILE A 207 -7.48 20.86 28.01
C ILE A 207 -7.52 20.40 29.46
N TYR A 208 -6.33 20.21 30.03
CA TYR A 208 -6.18 19.63 31.37
C TYR A 208 -5.40 20.61 32.26
N PRO A 209 -5.99 21.76 32.62
CA PRO A 209 -5.22 22.76 33.34
C PRO A 209 -4.81 22.34 34.76
N GLU A 210 -5.46 21.32 35.28
CA GLU A 210 -5.18 20.79 36.61
C GLU A 210 -3.92 19.89 36.63
N LYS A 211 -3.46 19.47 35.46
CA LYS A 211 -2.28 18.60 35.43
C LYS A 211 -0.99 19.37 35.59
N SER A 212 -0.04 18.78 36.31
CA SER A 212 1.28 19.36 36.48
C SER A 212 2.06 19.27 35.17
N ASP A 213 3.16 20.02 35.08
CA ASP A 213 4.03 19.96 33.90
C ASP A 213 4.48 18.52 33.64
N GLU A 214 4.81 17.82 34.72
CA GLU A 214 5.33 16.45 34.59
C GLU A 214 4.24 15.48 34.15
N GLU A 215 3.02 15.69 34.63
CA GLU A 215 1.87 14.90 34.18
C GLU A 215 1.62 15.10 32.69
N ILE A 216 1.76 16.35 32.23
CA ILE A 216 1.58 16.63 30.78
C ILE A 216 2.68 15.97 29.94
N TRP A 217 3.94 16.14 30.34
CA TRP A 217 5.03 15.50 29.58
C TRP A 217 4.88 13.97 29.54
N LYS A 218 4.39 13.39 30.64
CA LYS A 218 4.16 11.93 30.69
C LYS A 218 3.10 11.44 29.69
N MET A 219 2.09 12.28 29.42
CA MET A 219 1.08 12.01 28.40
C MET A 219 1.62 12.08 26.98
N ILE A 220 2.74 12.78 26.77
CA ILE A 220 3.21 13.08 25.42
C ILE A 220 4.19 12.01 24.90
N GLY A 221 3.97 11.61 23.65
CA GLY A 221 4.96 10.81 22.89
C GLY A 221 5.28 11.56 21.61
N LEU A 222 6.42 11.23 20.99
CA LEU A 222 6.74 11.83 19.68
C LEU A 222 7.10 10.73 18.69
N THR A 223 6.61 10.87 17.47
CA THR A 223 6.85 9.89 16.42
C THR A 223 7.34 10.52 15.11
N PRO A 224 8.67 10.51 14.89
CA PRO A 224 9.17 10.93 13.57
C PRO A 224 9.08 9.84 12.53
N MET A 225 9.30 10.23 11.28
CA MET A 225 9.50 9.30 10.19
C MET A 225 11.02 9.26 9.93
N ILE A 226 11.64 8.10 10.07
CA ILE A 226 13.10 8.04 10.04
C ILE A 226 13.65 8.24 8.62
N GLY A 227 14.81 8.89 8.51
CA GLY A 227 15.41 9.15 7.20
C GLY A 227 14.52 10.00 6.31
N VAL A 228 14.43 9.63 5.04
CA VAL A 228 13.68 10.45 4.11
C VAL A 228 12.19 10.43 4.44
N ASN A 229 11.59 11.61 4.48
CA ASN A 229 10.16 11.73 4.69
C ASN A 229 9.44 11.86 3.35
N ASP A 230 8.12 11.76 3.37
CA ASP A 230 7.36 11.83 2.12
C ASP A 230 7.57 13.16 1.39
N ASP A 231 7.87 14.20 2.15
CA ASP A 231 8.12 15.52 1.59
C ASP A 231 9.56 15.75 1.14
N LYS A 232 10.37 14.69 1.25
CA LYS A 232 11.77 14.67 0.81
C LYS A 232 12.75 15.34 1.77
N SER A 233 12.25 15.90 2.88
CA SER A 233 13.16 16.30 3.95
C SER A 233 13.69 15.02 4.63
N VAL A 234 14.77 15.15 5.39
CA VAL A 234 15.39 13.94 5.98
C VAL A 234 15.55 14.12 7.47
N PHE A 235 14.93 13.22 8.24
CA PHE A 235 15.13 13.12 9.66
C PHE A 235 16.36 12.23 9.89
N THR A 236 17.49 12.86 10.20
CA THR A 236 18.77 12.17 10.17
C THR A 236 19.05 11.42 11.46
N LEU A 237 20.10 10.59 11.46
CA LEU A 237 20.51 9.92 12.70
C LEU A 237 20.91 10.92 13.78
N GLU A 238 21.48 12.06 13.35
CA GLU A 238 21.82 13.15 14.27
C GLU A 238 20.54 13.75 14.88
N ASP A 239 19.52 13.94 14.05
CA ASP A 239 18.20 14.39 14.54
C ASP A 239 17.66 13.40 15.57
N ALA A 240 17.80 12.10 15.27
CA ALA A 240 17.33 11.06 16.18
C ALA A 240 18.01 11.20 17.54
N GLN A 241 19.33 11.37 17.53
CA GLN A 241 20.07 11.48 18.79
C GLN A 241 19.69 12.74 19.58
N GLN A 242 19.58 13.86 18.87
CA GLN A 242 19.17 15.12 19.51
C GLN A 242 17.78 14.99 20.15
N LEU A 243 16.85 14.36 19.43
CA LEU A 243 15.46 14.22 19.93
C LEU A 243 15.41 13.28 21.13
N VAL A 244 16.13 12.17 21.07
CA VAL A 244 16.23 11.25 22.19
C VAL A 244 16.77 11.98 23.42
N ASP A 245 17.83 12.77 23.23
CA ASP A 245 18.39 13.46 24.39
C ASP A 245 17.41 14.48 24.97
N TRP A 246 16.70 15.18 24.10
CA TRP A 246 15.67 16.12 24.55
C TRP A 246 14.57 15.37 25.31
N ALA A 247 14.14 14.22 24.77
CA ALA A 247 13.06 13.43 25.34
C ALA A 247 13.44 12.88 26.73
N ILE A 248 14.70 12.47 26.88
CA ILE A 248 15.20 11.99 28.18
C ILE A 248 15.19 13.15 29.18
N GLN A 249 15.67 14.30 28.74
CA GLN A 249 15.77 15.46 29.61
C GLN A 249 14.39 15.88 30.12
N HIS A 250 13.37 15.80 29.25
CA HIS A 250 12.02 16.24 29.61
C HIS A 250 11.14 15.15 30.21
N LYS A 251 11.71 13.94 30.34
CA LYS A 251 11.03 12.78 30.93
C LYS A 251 9.66 12.56 30.28
N ILE A 252 9.60 12.66 28.96
CA ILE A 252 8.33 12.42 28.27
C ILE A 252 7.95 10.94 28.30
N GLY A 253 6.69 10.65 28.05
CA GLY A 253 6.15 9.30 28.20
C GLY A 253 6.75 8.28 27.22
N SER A 254 6.94 8.69 25.98
CA SER A 254 7.30 7.70 24.96
C SER A 254 7.89 8.29 23.70
N LEU A 255 8.55 7.42 22.94
CA LEU A 255 8.93 7.70 21.56
C LEU A 255 8.47 6.53 20.69
N ALA A 256 8.30 6.80 19.41
CA ALA A 256 8.09 5.75 18.43
C ALA A 256 8.62 6.32 17.14
N PHE A 257 8.67 5.51 16.09
CA PHE A 257 8.96 6.05 14.77
C PHE A 257 8.32 5.24 13.65
N TRP A 258 8.21 5.86 12.49
CA TRP A 258 7.77 5.16 11.29
C TRP A 258 9.02 4.90 10.44
N SER A 259 9.50 3.66 10.33
CA SER A 259 8.92 2.44 10.88
C SER A 259 10.06 1.43 11.02
N VAL A 260 9.78 0.31 11.67
CA VAL A 260 10.80 -0.73 11.87
C VAL A 260 11.37 -1.24 10.56
N ASP A 261 10.52 -1.55 9.58
CA ASP A 261 11.02 -2.12 8.33
C ASP A 261 11.71 -1.11 7.43
N ARG A 262 11.61 0.16 7.79
CA ARG A 262 12.36 1.19 7.08
C ARG A 262 13.76 1.43 7.66
N ASP A 263 14.12 0.76 8.76
CA ASP A 263 15.42 1.02 9.38
C ASP A 263 16.57 0.27 8.70
N HIS A 264 16.74 0.53 7.40
CA HIS A 264 17.77 -0.09 6.56
C HIS A 264 18.25 1.00 5.62
N PRO A 265 19.53 0.95 5.24
CA PRO A 265 19.97 1.91 4.23
C PRO A 265 19.29 1.63 2.89
N GLY A 266 19.17 2.67 2.07
CA GLY A 266 18.60 2.54 0.75
C GLY A 266 19.08 3.63 -0.17
N PRO A 267 18.76 3.52 -1.47
CA PRO A 267 19.15 4.56 -2.42
C PRO A 267 18.72 5.94 -1.92
N THR A 268 19.64 6.89 -2.03
CA THR A 268 19.47 8.21 -1.44
C THR A 268 18.18 8.88 -1.85
N GLY A 269 17.40 9.30 -0.85
CA GLY A 269 16.18 10.08 -1.05
C GLY A 269 14.96 9.35 -1.57
N GLU A 270 15.05 8.03 -1.72
CA GLU A 270 13.93 7.22 -2.21
C GLU A 270 13.01 6.87 -1.05
N VAL A 271 11.72 7.12 -1.23
CA VAL A 271 10.69 6.80 -0.21
C VAL A 271 10.19 5.39 -0.44
N SER A 272 10.23 4.58 0.63
CA SER A 272 9.92 3.16 0.55
C SER A 272 9.46 2.68 1.93
N PRO A 273 8.59 1.64 1.96
CA PRO A 273 8.30 0.99 3.25
C PRO A 273 9.39 0.03 3.74
N LEU A 274 10.43 -0.16 2.93
CA LEU A 274 11.41 -1.22 3.16
C LEU A 274 12.81 -0.71 3.49
N HIS A 275 12.97 0.60 3.40
CA HIS A 275 14.24 1.25 3.73
C HIS A 275 13.99 2.73 3.95
N ARG A 276 15.00 3.49 4.39
CA ARG A 276 14.74 4.88 4.77
C ARG A 276 15.46 5.90 3.88
N GLY A 277 16.07 5.43 2.79
CA GLY A 277 16.68 6.36 1.84
C GLY A 277 17.87 7.16 2.36
N THR A 278 18.53 6.63 3.39
CA THR A 278 19.80 7.17 3.90
C THR A 278 20.82 6.04 3.96
N ASN A 279 22.06 6.35 4.32
CA ASN A 279 23.11 5.33 4.31
C ASN A 279 23.43 4.72 5.66
N ASP A 280 22.65 5.07 6.69
CA ASP A 280 22.94 4.54 8.03
C ASP A 280 22.74 3.03 8.05
N PRO A 281 23.61 2.32 8.78
CA PRO A 281 23.53 0.85 8.75
C PRO A 281 22.20 0.31 9.29
N ASP A 282 21.93 -0.97 8.99
CA ASP A 282 20.71 -1.61 9.50
C ASP A 282 20.54 -1.35 10.99
N TRP A 283 19.32 -0.98 11.37
CA TRP A 283 18.90 -0.84 12.77
C TRP A 283 19.53 0.35 13.51
N ALA A 284 20.20 1.23 12.79
CA ALA A 284 20.88 2.36 13.44
C ALA A 284 19.91 3.27 14.21
N PHE A 285 18.76 3.57 13.61
CA PHE A 285 17.80 4.47 14.28
C PHE A 285 17.18 3.79 15.50
N SER A 286 16.84 2.51 15.35
CA SER A 286 16.34 1.71 16.46
C SER A 286 17.25 1.80 17.67
N HIS A 287 18.55 1.62 17.45
CA HIS A 287 19.51 1.58 18.56
C HIS A 287 19.64 2.93 19.26
N VAL A 288 19.55 4.00 18.49
CA VAL A 288 19.54 5.35 19.07
C VAL A 288 18.29 5.57 19.93
N PHE A 289 17.11 5.24 19.39
CA PHE A 289 15.87 5.41 20.14
C PHE A 289 15.84 4.52 21.40
N VAL A 290 16.44 3.32 21.33
CA VAL A 290 16.46 2.45 22.53
C VAL A 290 17.14 3.15 23.73
N LYS A 291 18.08 4.06 23.45
CA LYS A 291 18.77 4.83 24.50
C LYS A 291 17.79 5.61 25.38
N PHE A 292 16.68 6.05 24.79
CA PHE A 292 15.61 6.71 25.55
C PHE A 292 15.10 5.80 26.67
N MET A 293 14.81 4.53 26.35
CA MET A 293 14.39 3.58 27.41
C MET A 293 15.52 3.23 28.36
N GLU A 294 16.73 3.09 27.83
CA GLU A 294 17.88 2.69 28.66
C GLU A 294 18.18 3.70 29.78
N ALA A 295 17.95 4.98 29.49
CA ALA A 295 18.15 6.03 30.50
C ALA A 295 17.28 5.80 31.73
N PHE A 296 16.14 5.14 31.52
CA PHE A 296 15.15 4.94 32.56
C PHE A 296 15.01 3.45 32.98
N GLY A 297 16.10 2.71 32.86
CA GLY A 297 16.19 1.37 33.48
C GLY A 297 16.09 0.17 32.57
N TYR A 298 15.70 0.38 31.32
CA TYR A 298 15.52 -0.73 30.39
C TYR A 298 16.83 -1.40 30.01
N THR A 299 16.79 -2.73 29.96
CA THR A 299 17.90 -3.55 29.52
C THR A 299 17.39 -4.78 28.77
N PHE A 300 18.01 -5.10 27.64
CA PHE A 300 17.58 -6.28 26.90
C PHE A 300 18.80 -6.99 26.29
N GLY B 1 -15.75 -18.09 -25.16
CA GLY B 1 -16.41 -19.42 -24.93
C GLY B 1 -17.83 -19.35 -24.37
N PRO B 2 -18.31 -20.48 -23.81
CA PRO B 2 -19.51 -20.51 -22.99
C PRO B 2 -19.16 -20.12 -21.56
N ASN B 3 -17.87 -20.14 -21.24
CA ASN B 3 -17.37 -19.87 -19.91
C ASN B 3 -16.34 -18.74 -19.89
N ALA B 4 -16.18 -18.08 -21.04
CA ALA B 4 -15.33 -16.91 -21.16
C ALA B 4 -15.85 -16.08 -22.32
N ASN B 5 -15.59 -14.78 -22.32
CA ASN B 5 -16.03 -13.91 -23.41
C ASN B 5 -14.85 -13.40 -24.24
N PRO B 6 -15.11 -12.95 -25.47
CA PRO B 6 -14.03 -12.34 -26.25
C PRO B 6 -13.59 -10.99 -25.68
N ILE B 7 -12.28 -10.74 -25.71
CA ILE B 7 -11.74 -9.42 -25.42
C ILE B 7 -11.47 -8.81 -26.80
N PRO B 8 -11.86 -7.54 -27.00
CA PRO B 8 -11.69 -6.91 -28.31
C PRO B 8 -10.24 -6.89 -28.78
N GLU B 9 -10.06 -6.89 -30.10
CA GLU B 9 -8.74 -6.84 -30.71
C GLU B 9 -7.97 -5.59 -30.23
N HIS B 10 -8.68 -4.47 -30.10
CA HIS B 10 -8.11 -3.25 -29.53
C HIS B 10 -8.90 -2.97 -28.25
N PHE B 11 -8.27 -3.15 -27.09
CA PHE B 11 -9.02 -3.17 -25.83
C PHE B 11 -8.49 -2.18 -24.80
N PHE B 12 -9.36 -1.80 -23.86
CA PHE B 12 -8.99 -1.02 -22.69
C PHE B 12 -9.38 -1.82 -21.45
N ALA B 13 -8.39 -2.21 -20.66
CA ALA B 13 -8.61 -3.07 -19.49
C ALA B 13 -7.84 -2.53 -18.30
N PRO B 14 -8.39 -1.49 -17.64
CA PRO B 14 -7.61 -0.85 -16.57
C PRO B 14 -7.43 -1.76 -15.36
N TYR B 15 -6.40 -1.48 -14.57
CA TYR B 15 -6.10 -2.27 -13.39
C TYR B 15 -7.04 -1.98 -12.22
N ILE B 16 -7.46 -3.05 -11.54
CA ILE B 16 -8.17 -2.96 -10.25
C ILE B 16 -7.36 -3.71 -9.21
N ASP B 17 -7.01 -3.01 -8.11
CA ASP B 17 -6.36 -3.66 -6.98
C ASP B 17 -7.46 -4.39 -6.21
N MET B 18 -7.51 -5.71 -6.38
CA MET B 18 -8.59 -6.53 -5.87
C MET B 18 -8.61 -6.62 -4.36
N SER B 19 -7.48 -6.28 -3.73
CA SER B 19 -7.31 -6.43 -2.29
C SER B 19 -7.91 -5.29 -1.47
N LEU B 20 -8.26 -4.18 -2.11
CA LEU B 20 -8.75 -3.01 -1.37
C LEU B 20 -10.09 -3.30 -0.72
N SER B 21 -10.25 -2.80 0.50
CA SER B 21 -11.53 -2.88 1.20
C SER B 21 -12.69 -2.18 0.45
N VAL B 22 -12.37 -1.10 -0.28
CA VAL B 22 -13.36 -0.39 -1.11
C VAL B 22 -13.93 -1.23 -2.26
N HIS B 23 -13.28 -2.36 -2.56
CA HIS B 23 -13.57 -3.14 -3.79
C HIS B 23 -15.05 -3.35 -4.05
N LYS B 24 -15.52 -2.84 -5.20
CA LYS B 24 -16.89 -3.09 -5.68
C LYS B 24 -16.95 -4.34 -6.56
N PRO B 25 -18.16 -4.91 -6.76
CA PRO B 25 -18.26 -6.00 -7.73
C PRO B 25 -17.77 -5.55 -9.13
N LEU B 26 -17.09 -6.42 -9.85
CA LEU B 26 -16.63 -6.08 -11.20
C LEU B 26 -17.77 -5.58 -12.08
N VAL B 27 -18.95 -6.19 -11.99
CA VAL B 27 -20.07 -5.70 -12.79
C VAL B 27 -20.41 -4.25 -12.52
N GLU B 28 -20.28 -3.83 -11.26
CA GLU B 28 -20.56 -2.46 -10.90
C GLU B 28 -19.50 -1.52 -11.49
N TYR B 29 -18.22 -1.90 -11.40
CA TYR B 29 -17.18 -1.12 -12.07
C TYR B 29 -17.45 -0.99 -13.57
N ALA B 30 -17.93 -2.07 -14.19
CA ALA B 30 -18.22 -1.99 -15.63
C ALA B 30 -19.26 -0.90 -15.91
N LYS B 31 -20.33 -0.85 -15.12
CA LYS B 31 -21.38 0.13 -15.29
C LYS B 31 -20.84 1.56 -15.10
N LEU B 32 -19.94 1.73 -14.12
CA LEU B 32 -19.45 3.05 -13.77
C LEU B 32 -18.38 3.57 -14.71
N THR B 33 -17.45 2.69 -15.09
CA THR B 33 -16.31 3.07 -15.92
C THR B 33 -16.62 3.06 -17.41
N GLY B 34 -17.60 2.26 -17.81
CA GLY B 34 -17.92 2.13 -19.23
C GLY B 34 -17.15 1.02 -19.95
N THR B 35 -16.19 0.40 -19.27
CA THR B 35 -15.50 -0.76 -19.84
C THR B 35 -15.88 -2.03 -19.09
N LYS B 36 -16.14 -3.10 -19.83
CA LYS B 36 -16.40 -4.36 -19.16
C LYS B 36 -15.20 -5.31 -19.18
N TYR B 37 -14.00 -4.75 -19.42
CA TYR B 37 -12.76 -5.52 -19.33
C TYR B 37 -11.84 -4.90 -18.29
N PHE B 38 -11.28 -5.74 -17.42
CA PHE B 38 -10.38 -5.29 -16.37
C PHE B 38 -9.18 -6.20 -16.22
N THR B 39 -8.08 -5.60 -15.78
CA THR B 39 -6.92 -6.37 -15.39
C THR B 39 -6.93 -6.49 -13.88
N LEU B 40 -7.05 -7.72 -13.38
CA LEU B 40 -7.23 -7.94 -11.94
C LEU B 40 -5.85 -8.06 -11.29
N ALA B 41 -5.57 -7.19 -10.32
CA ALA B 41 -4.22 -7.12 -9.73
C ALA B 41 -4.27 -7.38 -8.22
N PHE B 42 -3.27 -8.06 -7.63
CA PHE B 42 -2.19 -8.79 -8.29
C PHE B 42 -2.15 -10.16 -7.63
N ILE B 43 -1.83 -11.19 -8.40
CA ILE B 43 -1.49 -12.49 -7.82
C ILE B 43 -0.03 -12.48 -7.39
N LEU B 44 0.20 -12.89 -6.14
CA LEU B 44 1.55 -13.05 -5.59
C LEU B 44 1.67 -14.41 -4.92
N TYR B 45 2.89 -14.73 -4.52
CA TYR B 45 3.14 -15.89 -3.67
C TYR B 45 2.62 -15.67 -2.23
N SER B 46 1.89 -16.65 -1.72
CA SER B 46 1.45 -16.71 -0.34
C SER B 46 2.14 -17.85 0.39
N SER B 47 2.78 -17.58 1.52
CA SER B 47 3.37 -18.68 2.29
C SER B 47 2.30 -19.52 3.00
N VAL B 48 1.16 -18.92 3.34
CA VAL B 48 0.02 -19.66 3.92
C VAL B 48 -0.56 -20.70 2.96
N TYR B 49 -0.76 -20.31 1.71
CA TYR B 49 -1.29 -21.24 0.72
C TYR B 49 -0.19 -21.95 -0.07
N ASN B 50 1.07 -21.57 0.16
CA ASN B 50 2.24 -22.04 -0.62
C ASN B 50 1.94 -22.00 -2.12
N GLY B 51 1.49 -20.84 -2.58
CA GLY B 51 1.05 -20.72 -3.95
C GLY B 51 0.37 -19.39 -4.15
N PRO B 52 -0.35 -19.25 -5.29
CA PRO B 52 -0.95 -17.97 -5.69
C PRO B 52 -2.06 -17.48 -4.75
N ALA B 53 -2.08 -16.17 -4.49
CA ALA B 53 -3.13 -15.53 -3.68
C ALA B 53 -3.14 -14.06 -4.04
N TRP B 54 -4.30 -13.42 -3.94
CA TRP B 54 -4.39 -11.98 -4.22
C TRP B 54 -3.65 -11.19 -3.15
N ALA B 55 -2.80 -10.26 -3.59
CA ALA B 55 -1.92 -9.47 -2.71
C ALA B 55 -1.08 -10.36 -1.79
N GLY B 56 -0.88 -11.61 -2.19
CA GLY B 56 -0.13 -12.59 -1.36
C GLY B 56 -0.82 -13.12 -0.11
N SER B 57 -2.12 -12.86 0.05
CA SER B 57 -2.84 -13.32 1.26
C SER B 57 -4.31 -13.73 1.07
N ILE B 58 -5.00 -13.11 0.10
CA ILE B 58 -6.43 -13.38 -0.11
C ILE B 58 -6.60 -14.64 -0.95
N PRO B 59 -7.47 -15.58 -0.51
CA PRO B 59 -7.62 -16.86 -1.20
C PRO B 59 -7.83 -16.66 -2.70
N LEU B 60 -7.14 -17.46 -3.50
CA LEU B 60 -7.18 -17.34 -4.96
C LEU B 60 -8.60 -17.31 -5.53
N GLU B 61 -9.46 -18.17 -4.99
CA GLU B 61 -10.81 -18.39 -5.51
CA GLU B 61 -10.80 -18.37 -5.55
C GLU B 61 -11.80 -17.26 -5.14
N LYS B 62 -11.33 -16.30 -4.34
CA LYS B 62 -12.23 -15.28 -3.77
C LYS B 62 -13.13 -14.57 -4.77
N PHE B 63 -12.60 -14.30 -5.97
CA PHE B 63 -13.26 -13.45 -6.96
C PHE B 63 -13.86 -14.21 -8.14
N VAL B 64 -13.96 -15.52 -8.01
CA VAL B 64 -14.51 -16.35 -9.08
C VAL B 64 -15.96 -15.93 -9.39
N ASP B 65 -16.78 -15.76 -8.36
CA ASP B 65 -18.18 -15.35 -8.57
C ASP B 65 -18.28 -13.98 -9.23
N GLU B 66 -17.44 -13.04 -8.82
CA GLU B 66 -17.47 -11.71 -9.45
C GLU B 66 -17.14 -11.78 -10.94
N VAL B 67 -16.18 -12.62 -11.30
CA VAL B 67 -15.79 -12.75 -12.71
C VAL B 67 -16.95 -13.41 -13.50
N ARG B 68 -17.57 -14.44 -12.92
CA ARG B 68 -18.75 -15.05 -13.52
CA ARG B 68 -18.75 -15.05 -13.52
C ARG B 68 -19.84 -14.00 -13.78
N GLU B 69 -20.10 -13.14 -12.80
CA GLU B 69 -21.12 -12.10 -12.93
C GLU B 69 -20.76 -11.09 -14.00
N LEU B 70 -19.47 -10.72 -14.06
CA LEU B 70 -19.00 -9.85 -15.13
C LEU B 70 -19.23 -10.50 -16.51
N ARG B 71 -19.01 -11.80 -16.59
CA ARG B 71 -19.17 -12.52 -17.86
C ARG B 71 -20.65 -12.51 -18.31
N GLU B 72 -21.59 -12.44 -17.35
CA GLU B 72 -23.02 -12.35 -17.69
C GLU B 72 -23.41 -11.09 -18.49
N ILE B 73 -22.58 -10.05 -18.45
CA ILE B 73 -22.81 -8.87 -19.26
C ILE B 73 -21.85 -8.80 -20.45
N GLY B 74 -21.18 -9.91 -20.74
CA GLY B 74 -20.26 -9.95 -21.87
C GLY B 74 -18.84 -9.54 -21.52
N GLY B 75 -18.61 -9.26 -20.23
CA GLY B 75 -17.28 -8.80 -19.78
C GLY B 75 -16.25 -9.90 -19.67
N GLU B 76 -14.97 -9.51 -19.50
CA GLU B 76 -13.89 -10.49 -19.42
C GLU B 76 -12.70 -9.85 -18.71
N VAL B 77 -11.78 -10.70 -18.24
CA VAL B 77 -10.67 -10.20 -17.43
C VAL B 77 -9.31 -10.64 -17.95
N ILE B 78 -8.29 -9.92 -17.53
CA ILE B 78 -6.90 -10.32 -17.65
C ILE B 78 -6.43 -10.44 -16.21
N ILE B 79 -5.73 -11.52 -15.89
CA ILE B 79 -5.23 -11.72 -14.52
C ILE B 79 -3.76 -11.33 -14.44
N ALA B 80 -3.44 -10.39 -13.54
CA ALA B 80 -2.08 -9.89 -13.40
C ALA B 80 -1.33 -10.48 -12.23
N PHE B 81 -0.05 -10.75 -12.46
CA PHE B 81 0.88 -11.27 -11.46
C PHE B 81 1.88 -10.16 -11.21
N GLY B 82 2.35 -10.03 -9.97
CA GLY B 82 3.50 -9.18 -9.72
C GLY B 82 3.11 -7.83 -9.16
N GLY B 83 3.63 -6.78 -9.78
CA GLY B 83 3.39 -5.40 -9.30
C GLY B 83 4.50 -4.85 -8.43
N ALA B 84 4.25 -3.71 -7.80
CA ALA B 84 5.29 -2.97 -7.08
C ALA B 84 5.74 -3.64 -5.79
N VAL B 85 4.92 -4.51 -5.24
CA VAL B 85 5.31 -5.26 -4.04
C VAL B 85 5.32 -6.75 -4.31
N GLY B 86 6.33 -7.42 -3.75
CA GLY B 86 6.51 -8.86 -3.92
C GLY B 86 5.81 -9.56 -2.77
N PRO B 87 6.03 -10.88 -2.62
CA PRO B 87 6.93 -11.73 -3.40
C PRO B 87 6.24 -12.32 -4.64
N TYR B 88 6.90 -12.27 -5.79
CA TYR B 88 6.36 -12.85 -7.01
C TYR B 88 6.41 -14.38 -6.98
N LEU B 89 5.41 -15.02 -7.57
CA LEU B 89 5.48 -16.45 -7.84
C LEU B 89 6.78 -16.83 -8.54
N CYS B 90 7.19 -16.02 -9.52
CA CYS B 90 8.38 -16.36 -10.32
C CYS B 90 9.69 -16.21 -9.55
N GLN B 91 9.65 -15.48 -8.43
CA GLN B 91 10.79 -15.37 -7.51
C GLN B 91 10.81 -16.53 -6.52
N GLN B 92 9.64 -16.93 -6.05
CA GLN B 92 9.54 -17.96 -5.02
C GLN B 92 9.68 -19.39 -5.55
N ALA B 93 9.21 -19.64 -6.78
CA ALA B 93 9.22 -21.00 -7.34
C ALA B 93 10.63 -21.58 -7.39
N SER B 94 10.78 -22.82 -6.92
CA SER B 94 12.07 -23.51 -6.96
C SER B 94 12.47 -23.95 -8.36
N THR B 95 11.47 -24.27 -9.18
CA THR B 95 11.70 -24.79 -10.52
C THR B 95 10.71 -24.14 -11.52
N PRO B 96 11.03 -24.15 -12.82
CA PRO B 96 10.02 -23.70 -13.79
C PRO B 96 8.76 -24.57 -13.77
N GLU B 97 8.89 -25.85 -13.43
CA GLU B 97 7.72 -26.74 -13.34
C GLU B 97 6.74 -26.32 -12.25
N GLN B 98 7.28 -25.93 -11.09
CA GLN B 98 6.45 -25.46 -9.99
C GLN B 98 5.79 -24.14 -10.37
N LEU B 99 6.56 -23.28 -11.02
CA LEU B 99 6.06 -21.98 -11.46
C LEU B 99 4.90 -22.16 -12.45
N ALA B 100 5.09 -23.04 -13.43
CA ALA B 100 4.04 -23.32 -14.41
C ALA B 100 2.81 -23.91 -13.75
N GLU B 101 3.00 -24.82 -12.79
CA GLU B 101 1.88 -25.37 -12.03
C GLU B 101 1.04 -24.25 -11.38
N TRP B 102 1.71 -23.30 -10.76
CA TRP B 102 1.03 -22.18 -10.10
C TRP B 102 0.26 -21.30 -11.10
N TYR B 103 0.89 -20.95 -12.22
CA TYR B 103 0.20 -20.16 -13.25
C TYR B 103 -1.01 -20.92 -13.80
N ILE B 104 -0.86 -22.22 -14.04
CA ILE B 104 -1.95 -23.02 -14.55
C ILE B 104 -3.10 -23.12 -13.54
N LYS B 105 -2.78 -23.20 -12.25
CA LYS B 105 -3.82 -23.18 -11.22
C LYS B 105 -4.65 -21.89 -11.32
N VAL B 106 -3.98 -20.75 -11.54
CA VAL B 106 -4.71 -19.48 -11.71
C VAL B 106 -5.58 -19.52 -12.97
N ILE B 107 -5.00 -19.93 -14.09
CA ILE B 107 -5.74 -20.08 -15.34
C ILE B 107 -7.01 -20.93 -15.11
N ASP B 108 -6.83 -22.10 -14.51
CA ASP B 108 -7.95 -23.04 -14.39
C ASP B 108 -9.02 -22.56 -13.43
N THR B 109 -8.62 -21.86 -12.37
CA THR B 109 -9.56 -21.38 -11.37
C THR B 109 -10.51 -20.34 -11.97
N TYR B 110 -9.96 -19.49 -12.84
CA TYR B 110 -10.71 -18.40 -13.44
C TYR B 110 -11.18 -18.64 -14.87
N ASN B 111 -10.86 -19.80 -15.44
CA ASN B 111 -10.95 -20.02 -16.90
CA ASN B 111 -11.00 -20.00 -16.89
C ASN B 111 -10.36 -18.80 -17.63
N ALA B 112 -9.17 -18.39 -17.19
CA ALA B 112 -8.53 -17.19 -17.76
C ALA B 112 -8.10 -17.40 -19.20
N THR B 113 -8.18 -16.34 -19.99
CA THR B 113 -7.77 -16.39 -21.39
C THR B 113 -6.61 -15.44 -21.68
N TYR B 114 -6.16 -14.74 -20.64
CA TYR B 114 -5.13 -13.70 -20.80
C TYR B 114 -4.47 -13.52 -19.45
N LEU B 115 -3.14 -13.64 -19.41
CA LEU B 115 -2.39 -13.36 -18.19
C LEU B 115 -1.47 -12.18 -18.41
N ASP B 116 -1.21 -11.44 -17.34
CA ASP B 116 -0.36 -10.26 -17.43
C ASP B 116 0.74 -10.40 -16.38
N PHE B 117 1.99 -10.29 -16.81
CA PHE B 117 3.12 -10.41 -15.91
C PHE B 117 3.68 -9.03 -15.72
N ALA B 118 3.34 -8.43 -14.57
CA ALA B 118 3.71 -7.05 -14.28
C ALA B 118 5.00 -7.09 -13.46
N ILE B 119 6.12 -7.13 -14.17
CA ILE B 119 7.42 -7.40 -13.56
C ILE B 119 8.19 -6.11 -13.37
N GLU B 120 8.31 -5.73 -12.10
CA GLU B 120 8.97 -4.49 -11.72
CA GLU B 120 8.94 -4.48 -11.71
C GLU B 120 10.31 -4.74 -11.08
N ALA B 121 10.44 -5.89 -10.41
CA ALA B 121 11.67 -6.25 -9.74
C ALA B 121 12.51 -7.14 -10.64
N GLY B 122 13.79 -7.30 -10.30
CA GLY B 122 14.68 -8.19 -11.01
C GLY B 122 14.21 -9.63 -10.88
N ILE B 123 14.16 -10.34 -12.00
CA ILE B 123 13.75 -11.75 -11.97
C ILE B 123 14.69 -12.59 -12.80
N ASP B 124 14.56 -13.91 -12.67
CA ASP B 124 15.27 -14.86 -13.50
C ASP B 124 14.42 -15.09 -14.76
N ALA B 125 14.72 -14.37 -15.83
CA ALA B 125 13.93 -14.42 -17.06
C ALA B 125 13.96 -15.80 -17.73
N ASP B 126 15.11 -16.47 -17.65
CA ASP B 126 15.24 -17.79 -18.27
C ASP B 126 14.28 -18.77 -17.60
N LYS B 127 14.20 -18.70 -16.26
CA LYS B 127 13.29 -19.55 -15.48
C LYS B 127 11.84 -19.24 -15.83
N LEU B 128 11.50 -17.95 -15.89
CA LEU B 128 10.15 -17.55 -16.28
C LEU B 128 9.79 -18.11 -17.67
N ALA B 129 10.72 -17.98 -18.61
CA ALA B 129 10.46 -18.45 -19.96
C ALA B 129 10.23 -19.95 -19.98
N ASP B 130 11.04 -20.70 -19.24
CA ASP B 130 10.88 -22.16 -19.15
C ASP B 130 9.50 -22.53 -18.60
N ALA B 131 9.03 -21.78 -17.59
CA ALA B 131 7.70 -22.01 -17.04
C ALA B 131 6.63 -21.69 -18.08
N LEU B 132 6.78 -20.59 -18.81
CA LEU B 132 5.77 -20.20 -19.80
C LEU B 132 5.74 -21.11 -21.01
N LEU B 133 6.88 -21.72 -21.36
CA LEU B 133 6.86 -22.76 -22.39
C LEU B 133 5.90 -23.90 -21.99
N ILE B 134 5.93 -24.27 -20.71
CA ILE B 134 5.01 -25.29 -20.21
C ILE B 134 3.56 -24.78 -20.25
N VAL B 135 3.35 -23.56 -19.74
CA VAL B 135 2.01 -22.99 -19.71
C VAL B 135 1.36 -22.93 -21.10
N GLN B 136 2.11 -22.41 -22.07
CA GLN B 136 1.53 -22.27 -23.41
C GLN B 136 1.31 -23.63 -24.07
N ARG B 137 2.11 -24.62 -23.69
CA ARG B 137 1.89 -25.99 -24.21
C ARG B 137 0.60 -26.59 -23.67
N GLU B 138 0.40 -26.45 -22.36
CA GLU B 138 -0.73 -27.08 -21.69
CA GLU B 138 -0.73 -27.05 -21.65
C GLU B 138 -2.01 -26.28 -21.88
N ARG B 139 -1.87 -24.96 -22.05
CA ARG B 139 -3.04 -24.08 -22.22
C ARG B 139 -2.83 -23.14 -23.41
N PRO B 140 -2.94 -23.69 -24.64
CA PRO B 140 -2.51 -22.96 -25.85
C PRO B 140 -3.42 -21.78 -26.27
N TRP B 141 -4.57 -21.64 -25.62
CA TRP B 141 -5.52 -20.56 -25.91
C TRP B 141 -5.30 -19.32 -25.03
N VAL B 142 -4.34 -19.40 -24.12
CA VAL B 142 -4.11 -18.30 -23.16
C VAL B 142 -3.06 -17.32 -23.69
N LYS B 143 -3.40 -16.03 -23.76
CA LYS B 143 -2.47 -15.02 -24.23
C LYS B 143 -1.60 -14.53 -23.09
N PHE B 144 -0.37 -14.10 -23.42
CA PHE B 144 0.56 -13.56 -22.41
C PHE B 144 0.87 -12.09 -22.66
N SER B 145 0.68 -11.29 -21.61
CA SER B 145 1.00 -9.88 -21.63
C SER B 145 2.17 -9.64 -20.66
N PHE B 146 3.07 -8.71 -21.03
CA PHE B 146 4.17 -8.33 -20.15
C PHE B 146 4.12 -6.84 -19.90
N THR B 147 3.98 -6.48 -18.62
CA THR B 147 3.79 -5.09 -18.22
C THR B 147 5.01 -4.67 -17.44
N LEU B 148 5.67 -3.62 -17.92
CA LEU B 148 7.06 -3.38 -17.54
C LEU B 148 7.35 -1.90 -17.37
N PRO B 149 8.30 -1.57 -16.48
CA PRO B 149 8.74 -0.18 -16.32
C PRO B 149 9.28 0.41 -17.63
N SER B 150 9.11 1.72 -17.79
CA SER B 150 9.54 2.36 -19.03
C SER B 150 9.98 3.79 -18.76
N ASP B 151 10.64 4.39 -19.74
CA ASP B 151 11.23 5.72 -19.58
C ASP B 151 11.36 6.29 -20.99
N PRO B 152 11.02 7.58 -21.18
CA PRO B 152 10.99 8.15 -22.52
C PRO B 152 12.36 8.28 -23.21
N GLY B 153 13.44 8.11 -22.47
CA GLY B 153 14.78 8.10 -23.06
C GLY B 153 15.20 6.74 -23.61
N ILE B 154 14.51 5.68 -23.17
CA ILE B 154 15.01 4.32 -23.41
C ILE B 154 13.96 3.30 -23.89
N GLY B 155 12.68 3.55 -23.61
CA GLY B 155 11.65 2.52 -23.81
C GLY B 155 11.61 1.64 -22.57
N LEU B 156 11.59 0.32 -22.76
CA LEU B 156 11.77 -0.61 -21.64
C LEU B 156 13.18 -0.51 -21.08
N ALA B 157 13.32 -0.76 -19.78
CA ALA B 157 14.64 -0.82 -19.15
C ALA B 157 15.11 -2.28 -19.11
N GLY B 158 15.43 -2.78 -17.92
CA GLY B 158 15.87 -4.18 -17.76
C GLY B 158 14.81 -5.16 -18.21
N GLY B 159 13.55 -4.75 -18.13
CA GLY B 159 12.45 -5.54 -18.65
C GLY B 159 12.60 -5.91 -20.11
N TYR B 160 13.38 -5.12 -20.86
CA TYR B 160 13.60 -5.44 -22.25
C TYR B 160 14.23 -6.82 -22.40
N GLY B 161 15.13 -7.17 -21.48
CA GLY B 161 15.78 -8.48 -21.50
C GLY B 161 14.80 -9.63 -21.30
N ILE B 162 13.71 -9.34 -20.57
CA ILE B 162 12.66 -10.35 -20.39
C ILE B 162 12.01 -10.67 -21.73
N ILE B 163 11.67 -9.63 -22.49
CA ILE B 163 11.04 -9.84 -23.80
C ILE B 163 12.04 -10.53 -24.75
N GLU B 164 13.31 -10.11 -24.73
CA GLU B 164 14.32 -10.76 -25.56
C GLU B 164 14.39 -12.25 -25.25
N THR B 165 14.35 -12.59 -23.96
CA THR B 165 14.39 -13.98 -23.50
C THR B 165 13.16 -14.78 -23.96
N MET B 166 11.96 -14.21 -23.79
CA MET B 166 10.74 -14.86 -24.28
C MET B 166 10.85 -15.19 -25.78
N ALA B 167 11.25 -14.20 -26.58
CA ALA B 167 11.35 -14.37 -28.02
C ALA B 167 12.37 -15.44 -28.42
N LYS B 168 13.54 -15.39 -27.78
CA LYS B 168 14.63 -16.33 -28.08
C LYS B 168 14.20 -17.76 -27.78
N LYS B 169 13.44 -17.91 -26.71
CA LYS B 169 13.05 -19.25 -26.24
C LYS B 169 11.75 -19.77 -26.85
N GLY B 170 11.09 -18.93 -27.63
CA GLY B 170 9.86 -19.29 -28.32
C GLY B 170 8.60 -19.22 -27.46
N VAL B 171 8.63 -18.36 -26.44
CA VAL B 171 7.43 -18.06 -25.65
C VAL B 171 6.62 -16.99 -26.39
N ARG B 172 5.31 -17.22 -26.51
CA ARG B 172 4.41 -16.27 -27.16
C ARG B 172 4.43 -14.93 -26.41
N VAL B 173 4.46 -13.84 -27.17
CA VAL B 173 4.41 -12.51 -26.59
C VAL B 173 3.27 -11.76 -27.27
N ASP B 174 2.11 -11.78 -26.62
CA ASP B 174 0.90 -11.21 -27.23
C ASP B 174 0.81 -9.70 -27.03
N ARG B 175 1.38 -9.23 -25.92
CA ARG B 175 1.26 -7.84 -25.51
C ARG B 175 2.49 -7.42 -24.72
N VAL B 176 3.00 -6.25 -25.06
CA VAL B 176 4.10 -5.61 -24.36
C VAL B 176 3.58 -4.24 -23.94
N ASN B 177 3.46 -4.04 -22.63
CA ASN B 177 2.65 -2.99 -22.06
C ASN B 177 3.49 -2.12 -21.11
N PRO B 178 4.31 -1.20 -21.65
CA PRO B 178 5.12 -0.33 -20.81
C PRO B 178 4.26 0.54 -19.88
N MET B 179 4.75 0.69 -18.65
CA MET B 179 4.08 1.55 -17.70
C MET B 179 4.66 2.94 -17.88
N THR B 180 3.85 3.80 -18.51
CA THR B 180 4.32 5.12 -18.92
C THR B 180 4.06 6.07 -17.78
N MET B 181 4.88 5.94 -16.73
CA MET B 181 4.66 6.61 -15.44
C MET B 181 5.96 6.68 -14.67
N ASP B 182 6.04 7.63 -13.73
CA ASP B 182 7.05 7.61 -12.68
C ASP B 182 8.49 7.62 -13.21
N TYR B 183 8.80 8.57 -14.10
CA TYR B 183 10.14 8.67 -14.68
C TYR B 183 11.08 9.45 -13.77
N TYR B 184 10.48 10.28 -12.90
CA TYR B 184 11.18 11.11 -11.92
C TYR B 184 11.98 12.29 -12.50
N TRP B 185 12.65 12.10 -13.64
CA TRP B 185 13.44 13.21 -14.21
C TRP B 185 12.67 14.05 -15.24
N THR B 186 11.51 13.55 -15.65
CA THR B 186 10.68 14.19 -16.66
C THR B 186 9.23 13.77 -16.39
N PRO B 187 8.25 14.64 -16.71
CA PRO B 187 6.88 14.40 -16.23
C PRO B 187 6.13 13.27 -16.95
N SER B 188 5.21 12.65 -16.22
CA SER B 188 4.35 11.61 -16.80
C SER B 188 3.21 12.28 -17.55
N ASN B 189 3.46 12.60 -18.82
CA ASN B 189 2.44 13.25 -19.67
C ASN B 189 2.24 12.48 -20.97
N ALA B 190 1.39 12.99 -21.86
CA ALA B 190 1.15 12.29 -23.12
C ALA B 190 2.38 12.26 -24.02
N GLU B 191 3.09 13.39 -24.10
CA GLU B 191 4.29 13.46 -24.96
C GLU B 191 5.30 12.37 -24.59
N ASN B 192 5.53 12.20 -23.29
CA ASN B 192 6.51 11.22 -22.84
C ASN B 192 6.02 9.80 -22.99
N ALA B 193 4.71 9.59 -22.82
CA ALA B 193 4.13 8.25 -23.07
C ALA B 193 4.29 7.87 -24.55
N ILE B 194 4.13 8.86 -25.44
CA ILE B 194 4.33 8.63 -26.88
C ILE B 194 5.80 8.33 -27.18
N LYS B 195 6.71 9.06 -26.56
CA LYS B 195 8.14 8.75 -26.72
C LYS B 195 8.47 7.32 -26.28
N VAL B 196 7.90 6.91 -25.14
CA VAL B 196 8.05 5.52 -24.69
C VAL B 196 7.53 4.55 -25.75
N ALA B 197 6.32 4.80 -26.26
CA ALA B 197 5.73 3.96 -27.30
C ALA B 197 6.67 3.79 -28.50
N GLU B 198 7.22 4.91 -28.98
CA GLU B 198 8.13 4.89 -30.13
C GLU B 198 9.38 4.09 -29.84
N ASN B 199 9.93 4.23 -28.62
CA ASN B 199 11.13 3.50 -28.24
C ASN B 199 10.85 2.00 -28.10
N VAL B 200 9.68 1.66 -27.56
CA VAL B 200 9.30 0.24 -27.42
C VAL B 200 9.06 -0.37 -28.82
N PHE B 201 8.48 0.42 -29.73
CA PHE B 201 8.32 0.00 -31.13
C PHE B 201 9.68 -0.40 -31.72
N ARG B 202 10.68 0.45 -31.55
CA ARG B 202 12.03 0.14 -32.00
C ARG B 202 12.60 -1.12 -31.33
N GLN B 203 12.43 -1.21 -30.01
CA GLN B 203 12.88 -2.37 -29.26
C GLN B 203 12.26 -3.66 -29.77
N LEU B 204 10.97 -3.63 -30.07
CA LEU B 204 10.30 -4.83 -30.56
C LEU B 204 10.67 -5.14 -32.01
N LYS B 205 10.85 -4.10 -32.83
CA LYS B 205 11.35 -4.30 -34.21
C LYS B 205 12.73 -4.96 -34.22
N GLN B 206 13.55 -4.65 -33.20
CA GLN B 206 14.90 -5.23 -33.09
C GLN B 206 14.86 -6.70 -32.72
N ILE B 207 13.86 -7.11 -31.94
CA ILE B 207 13.67 -8.51 -31.63
C ILE B 207 13.03 -9.24 -32.83
N TYR B 208 12.02 -8.61 -33.42
CA TYR B 208 11.17 -9.22 -34.45
C TYR B 208 11.20 -8.40 -35.76
N PRO B 209 12.34 -8.42 -36.48
CA PRO B 209 12.47 -7.57 -37.66
C PRO B 209 11.54 -7.96 -38.81
N GLU B 210 11.05 -9.19 -38.77
CA GLU B 210 10.14 -9.71 -39.79
C GLU B 210 8.70 -9.19 -39.65
N LYS B 211 8.35 -8.68 -38.46
CA LYS B 211 6.99 -8.14 -38.24
C LYS B 211 6.80 -6.78 -38.87
N SER B 212 5.62 -6.55 -39.45
CA SER B 212 5.26 -5.25 -40.03
C SER B 212 5.12 -4.20 -38.94
N ASP B 213 5.12 -2.93 -39.34
CA ASP B 213 4.86 -1.81 -38.42
C ASP B 213 3.55 -2.02 -37.68
N GLU B 214 2.54 -2.45 -38.44
CA GLU B 214 1.20 -2.67 -37.91
C GLU B 214 1.19 -3.78 -36.87
N GLU B 215 1.92 -4.87 -37.14
CA GLU B 215 2.02 -5.98 -36.18
C GLU B 215 2.72 -5.55 -34.90
N ILE B 216 3.77 -4.73 -35.04
CA ILE B 216 4.47 -4.23 -33.86
C ILE B 216 3.54 -3.33 -33.04
N TRP B 217 2.86 -2.37 -33.68
CA TRP B 217 1.94 -1.52 -32.92
C TRP B 217 0.86 -2.35 -32.23
N LYS B 218 0.37 -3.40 -32.91
CA LYS B 218 -0.66 -4.26 -32.32
CA LYS B 218 -0.65 -4.27 -32.34
C LYS B 218 -0.18 -4.97 -31.06
N MET B 219 1.13 -5.24 -30.99
CA MET B 219 1.71 -5.90 -29.81
C MET B 219 1.78 -4.93 -28.64
N ILE B 220 1.75 -3.64 -28.92
CA ILE B 220 2.03 -2.63 -27.87
C ILE B 220 0.76 -2.21 -27.12
N GLY B 221 0.89 -2.08 -25.80
CA GLY B 221 -0.14 -1.41 -24.98
C GLY B 221 0.56 -0.31 -24.19
N LEU B 222 -0.20 0.67 -23.71
CA LEU B 222 0.38 1.70 -22.87
C LEU B 222 -0.42 1.82 -21.59
N THR B 223 0.28 1.95 -20.46
CA THR B 223 -0.39 2.04 -19.15
C THR B 223 0.14 3.25 -18.34
N PRO B 224 -0.58 4.38 -18.38
CA PRO B 224 -0.22 5.49 -17.49
C PRO B 224 -0.77 5.31 -16.08
N MET B 225 -0.28 6.13 -15.17
CA MET B 225 -0.87 6.27 -13.84
C MET B 225 -1.69 7.55 -13.88
N ILE B 226 -3.00 7.43 -13.67
CA ILE B 226 -3.86 8.59 -13.87
C ILE B 226 -3.63 9.66 -12.80
N GLY B 227 -3.73 10.92 -13.20
CA GLY B 227 -3.61 12.02 -12.24
C GLY B 227 -2.23 12.06 -11.61
N VAL B 228 -2.16 12.31 -10.31
CA VAL B 228 -0.85 12.46 -9.68
C VAL B 228 -0.08 11.14 -9.67
N ASN B 229 1.16 11.19 -10.15
CA ASN B 229 2.05 10.04 -10.11
C ASN B 229 2.89 10.05 -8.86
N ASP B 230 3.55 8.93 -8.58
CA ASP B 230 4.35 8.84 -7.36
C ASP B 230 5.43 9.90 -7.32
N ASP B 231 5.91 10.32 -8.49
CA ASP B 231 6.95 11.36 -8.54
C ASP B 231 6.38 12.78 -8.50
N LYS B 232 5.06 12.86 -8.29
CA LYS B 232 4.31 14.13 -8.17
C LYS B 232 4.04 14.87 -9.48
N SER B 233 4.53 14.36 -10.61
CA SER B 233 4.04 14.87 -11.91
C SER B 233 2.61 14.40 -12.06
N VAL B 234 1.89 15.00 -13.01
CA VAL B 234 0.47 14.70 -13.17
C VAL B 234 0.14 14.33 -14.61
N PHE B 235 -0.44 13.15 -14.79
CA PHE B 235 -0.96 12.73 -16.08
C PHE B 235 -2.41 13.18 -16.13
N THR B 236 -2.65 14.27 -16.85
CA THR B 236 -3.92 14.99 -16.76
C THR B 236 -4.97 14.38 -17.68
N LEU B 237 -6.21 14.84 -17.54
CA LEU B 237 -7.27 14.40 -18.44
C LEU B 237 -6.98 14.78 -19.88
N GLU B 238 -6.36 15.95 -20.09
CA GLU B 238 -5.91 16.35 -21.42
C GLU B 238 -4.87 15.38 -21.98
N ASP B 239 -3.90 14.98 -21.15
CA ASP B 239 -2.94 13.93 -21.51
C ASP B 239 -3.64 12.63 -21.90
N ALA B 240 -4.66 12.24 -21.12
CA ALA B 240 -5.44 11.05 -21.44
C ALA B 240 -6.06 11.17 -22.84
N GLN B 241 -6.69 12.30 -23.12
CA GLN B 241 -7.32 12.49 -24.44
C GLN B 241 -6.29 12.46 -25.56
N GLN B 242 -5.17 13.16 -25.37
CA GLN B 242 -4.12 13.17 -26.39
C GLN B 242 -3.58 11.77 -26.64
N LEU B 243 -3.38 10.99 -25.57
CA LEU B 243 -2.81 9.65 -25.70
C LEU B 243 -3.79 8.71 -26.40
N VAL B 244 -5.08 8.81 -26.04
CA VAL B 244 -6.12 8.03 -26.70
C VAL B 244 -6.18 8.34 -28.19
N ASP B 245 -6.13 9.62 -28.57
CA ASP B 245 -6.14 9.98 -29.99
C ASP B 245 -4.94 9.43 -30.74
N TRP B 246 -3.78 9.51 -30.10
CA TRP B 246 -2.55 8.94 -30.64
C TRP B 246 -2.68 7.42 -30.80
N ALA B 247 -3.24 6.75 -29.78
CA ALA B 247 -3.35 5.28 -29.80
C ALA B 247 -4.32 4.78 -30.86
N ILE B 248 -5.41 5.52 -31.04
CA ILE B 248 -6.36 5.24 -32.13
C ILE B 248 -5.65 5.39 -33.50
N GLN B 249 -4.97 6.51 -33.68
CA GLN B 249 -4.26 6.79 -34.96
C GLN B 249 -3.24 5.70 -35.30
N HIS B 250 -2.52 5.22 -34.28
CA HIS B 250 -1.49 4.21 -34.49
C HIS B 250 -1.98 2.76 -34.41
N LYS B 251 -3.26 2.58 -34.10
CA LYS B 251 -3.89 1.26 -34.04
C LYS B 251 -3.12 0.31 -33.14
N ILE B 252 -2.71 0.80 -31.96
CA ILE B 252 -2.03 -0.08 -31.02
C ILE B 252 -3.01 -1.08 -30.41
N GLY B 253 -2.49 -2.12 -29.77
CA GLY B 253 -3.31 -3.22 -29.28
C GLY B 253 -4.20 -2.86 -28.11
N SER B 254 -3.69 -2.04 -27.19
CA SER B 254 -4.44 -1.81 -25.96
C SER B 254 -4.01 -0.58 -25.16
N LEU B 255 -4.88 -0.17 -24.24
CA LEU B 255 -4.55 0.80 -23.20
C LEU B 255 -5.03 0.21 -21.89
N ALA B 256 -4.40 0.66 -20.82
CA ALA B 256 -4.85 0.36 -19.47
C ALA B 256 -4.40 1.55 -18.61
N PHE B 257 -4.80 1.60 -17.35
CA PHE B 257 -4.19 2.57 -16.45
C PHE B 257 -4.19 2.10 -15.02
N TRP B 258 -3.33 2.73 -14.21
CA TRP B 258 -3.36 2.51 -12.77
C TRP B 258 -4.08 3.71 -12.12
N SER B 259 -5.29 3.54 -11.57
CA SER B 259 -6.05 2.30 -11.48
C SER B 259 -7.52 2.71 -11.40
N VAL B 260 -8.41 1.71 -11.45
CA VAL B 260 -9.85 1.97 -11.39
C VAL B 260 -10.25 2.70 -10.10
N ASP B 261 -9.78 2.21 -8.96
CA ASP B 261 -10.16 2.84 -7.67
C ASP B 261 -9.56 4.21 -7.44
N ARG B 262 -8.59 4.59 -8.28
CA ARG B 262 -8.07 5.95 -8.24
C ARG B 262 -8.82 6.94 -9.11
N ASP B 263 -9.82 6.48 -9.88
CA ASP B 263 -10.48 7.39 -10.81
C ASP B 263 -11.55 8.25 -10.11
N HIS B 264 -11.11 9.03 -9.12
CA HIS B 264 -12.00 9.89 -8.33
C HIS B 264 -11.20 11.15 -8.06
N PRO B 265 -11.89 12.30 -7.98
CA PRO B 265 -11.17 13.50 -7.58
C PRO B 265 -10.64 13.37 -6.15
N GLY B 266 -9.59 14.12 -5.83
CA GLY B 266 -9.06 14.10 -4.48
C GLY B 266 -8.23 15.32 -4.24
N PRO B 267 -7.78 15.50 -2.98
CA PRO B 267 -6.92 16.64 -2.63
C PRO B 267 -5.74 16.71 -3.61
N THR B 268 -5.55 17.91 -4.15
CA THR B 268 -4.58 18.14 -5.21
C THR B 268 -3.18 17.71 -4.80
N GLY B 269 -2.56 16.91 -5.65
CA GLY B 269 -1.17 16.51 -5.45
C GLY B 269 -0.92 15.38 -4.47
N GLU B 270 -1.99 14.77 -3.94
CA GLU B 270 -1.86 13.69 -2.98
CA GLU B 270 -1.88 13.69 -2.97
C GLU B 270 -1.93 12.33 -3.66
N VAL B 271 -0.93 11.49 -3.37
CA VAL B 271 -0.88 10.12 -3.90
C VAL B 271 -1.63 9.15 -3.00
N SER B 272 -2.60 8.44 -3.58
CA SER B 272 -3.46 7.52 -2.85
C SER B 272 -3.90 6.39 -3.79
N PRO B 273 -4.20 5.19 -3.23
CA PRO B 273 -4.83 4.14 -4.04
C PRO B 273 -6.34 4.34 -4.23
N LEU B 274 -6.91 5.40 -3.63
CA LEU B 274 -8.37 5.61 -3.58
C LEU B 274 -8.87 6.82 -4.37
N HIS B 275 -7.95 7.62 -4.88
CA HIS B 275 -8.27 8.80 -5.68
C HIS B 275 -7.00 9.21 -6.43
N ARG B 276 -7.12 10.15 -7.38
CA ARG B 276 -5.98 10.47 -8.24
C ARG B 276 -5.40 11.87 -8.03
N GLY B 277 -5.86 12.57 -6.99
CA GLY B 277 -5.25 13.86 -6.65
C GLY B 277 -5.43 14.94 -7.70
N THR B 278 -6.48 14.82 -8.52
CA THR B 278 -6.90 15.88 -9.46
C THR B 278 -8.37 16.24 -9.23
N ASN B 279 -8.84 17.25 -9.97
CA ASN B 279 -10.20 17.73 -9.77
CA ASN B 279 -10.21 17.81 -9.86
C ASN B 279 -11.26 17.08 -10.68
N ASP B 280 -10.84 16.18 -11.57
CA ASP B 280 -11.77 15.61 -12.54
C ASP B 280 -12.83 14.74 -11.87
N PRO B 281 -14.08 14.78 -12.36
CA PRO B 281 -15.15 14.06 -11.65
C PRO B 281 -14.97 12.55 -11.70
N ASP B 282 -15.74 11.84 -10.88
CA ASP B 282 -15.68 10.37 -10.82
C ASP B 282 -15.73 9.76 -12.22
N TRP B 283 -14.81 8.82 -12.47
CA TRP B 283 -14.78 8.03 -13.71
C TRP B 283 -14.40 8.81 -14.96
N ALA B 284 -13.89 10.03 -14.80
CA ALA B 284 -13.56 10.84 -15.97
C ALA B 284 -12.49 10.22 -16.87
N PHE B 285 -11.45 9.66 -16.26
CA PHE B 285 -10.37 9.08 -17.06
C PHE B 285 -10.86 7.82 -17.74
N SER B 286 -11.63 7.02 -17.01
CA SER B 286 -12.19 5.78 -17.58
C SER B 286 -12.95 6.10 -18.86
N HIS B 287 -13.80 7.14 -18.80
CA HIS B 287 -14.64 7.49 -19.95
C HIS B 287 -13.85 7.95 -21.16
N VAL B 288 -12.76 8.67 -20.94
CA VAL B 288 -11.86 9.05 -22.02
C VAL B 288 -11.18 7.82 -22.64
N PHE B 289 -10.65 6.94 -21.79
CA PHE B 289 -9.95 5.75 -22.29
C PHE B 289 -10.87 4.80 -23.07
N VAL B 290 -12.13 4.72 -22.65
CA VAL B 290 -13.12 3.86 -23.35
C VAL B 290 -13.22 4.23 -24.83
N LYS B 291 -12.99 5.52 -25.15
CA LYS B 291 -13.10 5.99 -26.52
C LYS B 291 -12.12 5.27 -27.46
N PHE B 292 -10.97 4.86 -26.92
CA PHE B 292 -10.01 4.07 -27.70
C PHE B 292 -10.67 2.78 -28.23
N MET B 293 -11.36 2.08 -27.33
CA MET B 293 -12.04 0.84 -27.68
C MET B 293 -13.23 1.10 -28.60
N GLU B 294 -13.97 2.18 -28.34
CA GLU B 294 -15.13 2.52 -29.18
C GLU B 294 -14.74 2.76 -30.64
N ALA B 295 -13.54 3.29 -30.87
CA ALA B 295 -13.06 3.52 -32.24
C ALA B 295 -13.02 2.24 -33.06
N PHE B 296 -12.84 1.10 -32.39
CA PHE B 296 -12.66 -0.20 -33.06
C PHE B 296 -13.83 -1.18 -32.81
N GLY B 297 -15.01 -0.62 -32.60
CA GLY B 297 -16.28 -1.38 -32.66
C GLY B 297 -17.02 -1.59 -31.35
N TYR B 298 -16.38 -1.26 -30.23
CA TYR B 298 -16.96 -1.51 -28.91
C TYR B 298 -18.14 -0.60 -28.61
N THR B 299 -19.19 -1.17 -28.03
CA THR B 299 -20.37 -0.41 -27.62
C THR B 299 -20.91 -1.03 -26.33
N PHE B 300 -21.25 -0.19 -25.36
CA PHE B 300 -21.76 -0.69 -24.08
C PHE B 300 -22.74 0.31 -23.51
C1 NDG C . -0.30 18.03 6.12
C2 NDG C . -0.28 17.09 7.35
C3 NDG C . 0.41 15.73 7.20
C4 NDG C . 0.39 15.21 5.75
C5 NDG C . 0.89 16.26 4.77
C6 NDG C . 0.65 15.81 3.33
C7 NDG C . -0.90 17.89 9.59
C8 NDG C . -0.50 18.84 10.71
O5 NDG C . 0.31 17.56 4.91
O3 NDG C . -0.31 14.82 8.05
O4 NDG C . 1.31 14.12 5.55
O6 NDG C . -0.75 15.64 3.10
O7 NDG C . -2.14 18.25 8.97
N2 NDG C . 0.13 17.75 8.58
O1 NDG C . 0.13 19.37 6.42
C1 NAG C . 0.82 12.86 5.96
C2 NAG C . 1.49 11.77 5.13
C3 NAG C . 1.17 10.39 5.70
C4 NAG C . 1.53 10.30 7.18
C5 NAG C . 0.83 11.47 7.90
C6 NAG C . 1.14 11.59 9.39
C7 NAG C . 2.05 12.07 2.71
C8 NAG C . 1.39 12.40 1.38
N2 NAG C . 1.06 11.89 3.75
O3 NAG C . 1.83 9.36 4.94
O4 NAG C . 1.11 9.01 7.64
O5 NAG C . 1.25 12.72 7.32
O6 NAG C . 0.47 12.76 9.87
O7 NAG C . 3.00 13.08 3.08
C1 NAG C . 1.91 8.44 8.70
C2 NAG C . 1.78 6.95 9.08
C3 NAG C . 1.52 5.89 8.00
C4 NAG C . 2.46 6.37 6.89
C5 NAG C . 3.63 7.14 7.52
C6 NAG C . 4.72 7.50 6.51
C7 NAG C . 0.92 6.99 11.59
C8 NAG C . 1.28 6.08 12.76
N2 NAG C . 1.71 6.56 10.48
O3 NAG C . 0.20 5.58 7.55
O4 NAG C . 3.03 5.23 6.26
O5 NAG C . 3.25 8.36 8.24
O6 NAG C . 4.17 8.27 5.43
O7 NAG C . -0.46 6.95 11.27
C1 NAG C . 2.38 4.76 5.12
C2 NAG C . 3.37 3.85 4.40
C3 NAG C . 2.65 3.04 3.32
C4 NAG C . 1.41 2.35 3.87
C5 NAG C . 0.52 3.38 4.56
C6 NAG C . -0.71 2.73 5.22
C7 NAG C . 5.81 4.60 4.24
C8 NAG C . 6.76 5.13 3.16
N2 NAG C . 4.44 4.62 3.77
O3 NAG C . 3.56 2.05 2.81
O4 NAG C . 0.66 1.80 2.78
O5 NAG C . 1.28 3.98 5.60
O6 NAG C . -1.46 3.76 5.89
O7 NAG C . 6.18 3.32 4.70
C1 NDG D . 12.56 4.15 -11.93
C2 NDG D . 11.55 3.20 -12.60
C3 NDG D . 10.11 3.20 -12.06
C4 NDG D . 10.07 3.47 -10.56
C5 NDG D . 10.82 4.76 -10.22
C6 NDG D . 11.01 4.94 -8.71
C7 NDG D . 12.03 2.17 -14.83
C8 NDG D . 12.28 2.49 -16.29
O5 NDG D . 12.11 4.91 -10.81
O3 NDG D . 9.60 1.89 -12.37
O4 NDG D . 8.74 3.74 -10.10
O6 NDG D . 11.86 3.94 -8.18
O7 NDG D . 13.21 1.64 -14.24
N2 NDG D . 11.56 3.30 -14.06
O1 NDG D . 13.20 5.06 -12.84
C1 NAG D . 7.92 2.61 -9.86
C2 NAG D . 6.86 2.97 -8.83
C3 NAG D . 5.83 1.84 -8.74
C4 NAG D . 5.20 1.55 -10.10
C5 NAG D . 6.35 1.25 -11.07
C6 NAG D . 5.93 1.00 -12.52
C7 NAG D . 8.02 4.46 -7.11
C8 NAG D . 8.07 4.62 -5.58
N2 NAG D . 7.39 3.21 -7.49
O3 NAG D . 4.85 2.19 -7.75
O4 NAG D . 4.31 0.42 -9.91
O5 NAG D . 7.26 2.36 -11.11
O6 NAG D . 7.10 0.89 -13.35
O7 NAG D . 7.38 5.57 -7.73
C1 NAG D . 3.15 0.42 -10.77
C2 NAG D . 2.01 -0.55 -10.52
C3 NAG D . 1.49 -0.82 -9.09
C4 NAG D . 1.62 0.55 -8.41
C5 NAG D . 1.46 1.66 -9.46
C6 NAG D . 1.43 3.06 -8.83
C7 NAG D . 1.45 -2.60 -12.07
C8 NAG D . 2.81 -3.24 -12.14
N2 NAG D . 1.58 -1.22 -11.73
O3 NAG D . 2.05 -1.88 -8.31
O4 NAG D . 0.54 0.75 -7.50
O5 NAG D . 2.41 1.62 -10.57
O6 NAG D . 2.64 3.35 -8.13
O7 NAG D . 0.77 -2.66 -13.34
C1 NAG D . 0.75 0.33 -6.17
C2 NAG D . -0.32 1.01 -5.32
C3 NAG D . -0.43 0.38 -3.91
C4 NAG D . -0.49 -1.14 -3.99
C5 NAG D . 0.66 -1.67 -4.85
C6 NAG D . 0.61 -3.18 -5.06
C7 NAG D . -1.08 3.41 -5.18
C8 NAG D . -2.23 3.05 -6.05
N2 NAG D . -0.02 2.44 -5.29
O3 NAG D . -1.63 0.84 -3.28
O4 NAG D . -0.43 -1.72 -2.68
O5 NAG D . 0.57 -1.08 -6.15
O6 NAG D . 1.77 -3.53 -5.85
O7 NAG D . -0.67 4.77 -5.46
MG MG E . -10.66 3.30 13.73
S SO4 F . -4.17 15.84 40.23
O1 SO4 F . -3.19 14.74 39.86
O2 SO4 F . -4.88 16.27 39.03
O3 SO4 F . -5.15 15.28 41.23
O4 SO4 F . -3.43 16.91 40.92
C1 GOL G . 0.33 -10.27 4.26
O1 GOL G . 0.64 -10.54 5.63
C2 GOL G . 1.25 -11.01 3.29
O2 GOL G . 2.19 -11.83 3.95
C3 GOL G . 1.99 -10.01 2.41
O3 GOL G . 2.45 -10.65 1.23
C1 GOL H . -3.53 11.64 38.17
O1 GOL H . -3.38 10.24 38.03
C2 GOL H . -3.54 12.33 36.81
O2 GOL H . -4.70 11.97 36.11
C3 GOL H . -2.31 11.96 35.99
O3 GOL H . -2.22 12.82 34.87
MG MG I . 5.03 -14.03 -11.10
C1 GOL J . 5.14 7.22 -36.41
O1 GOL J . 4.15 8.15 -36.02
C2 GOL J . 4.55 5.82 -36.56
O2 GOL J . 3.41 5.88 -37.41
C3 GOL J . 5.58 4.87 -37.16
O3 GOL J . 4.93 3.74 -37.72
C1 GOL K . 1.63 -15.30 5.01
O1 GOL K . 2.64 -14.51 5.58
C2 GOL K . 1.28 -14.83 3.61
O2 GOL K . 2.42 -14.97 2.79
C3 GOL K . 0.21 -15.76 3.07
O3 GOL K . -1.07 -15.35 3.46
C1 GOL L . 12.02 0.81 -36.04
O1 GOL L . 12.12 2.07 -35.39
C2 GOL L . 12.03 1.01 -37.54
O2 GOL L . 10.89 0.37 -38.08
C3 GOL L . 13.25 0.30 -38.10
O3 GOL L . 12.96 -1.08 -38.20
#